data_9IRK
#
_entry.id   9IRK
#
_cell.length_a   1.00
_cell.length_b   1.00
_cell.length_c   1.00
_cell.angle_alpha   90.00
_cell.angle_beta   90.00
_cell.angle_gamma   90.00
#
_symmetry.space_group_name_H-M   'P 1'
#
loop_
_entity.id
_entity.type
_entity.pdbx_description
1 polymer 'Phytochrome B'
2 polymer 'Transcription factor PIF6'
3 non-polymer '3-[5-[[(3~{R},4~{R})-3-ethyl-4-methyl-5-oxidanylidene-3,4-dihydropyrrol-2-yl]methyl]-2-[[5-[(4-ethyl-3-methyl-5-oxidanylidene-pyrrol-2-yl)methyl]-3-(3-hydroxy-3-oxopropyl)-4-methyl-1~{H}-pyrrol-2-yl]methyl]-4-methyl-1~{H}-pyrrol-3-yl]propanoic acid'
#
loop_
_entity_poly.entity_id
_entity_poly.type
_entity_poly.pdbx_seq_one_letter_code
_entity_poly.pdbx_strand_id
1 'polypeptide(L)'
;MVSGVGGSGGGRGGGRGGEEEPSSSHTPNNRRGGEQAQSSGTKSLRPRSNTESMSKAIQQYTVDARLHAVFEQSGESGKS
FDYSQSLKTTTYGSSVPEQQITAYLSRIQRGGYIQPFGCMIAVDESSFRIIGYSENAREMLGIMPQSVPTLEKPEILAMG
TDVRSLFTSSSSILLERAFVAREITLLNPVWIHSKNTGKPFYAILHRIDVGVVIDLEPARTEDPALSIAGAVQSQKLAVR
AISQLQALPGGDIKLLCDTVVESVRDLTGYDRVMVHKFHEDEHGEVVAESKRDDLEPYIGLHYPATDIPQASRFLFKQNR
VRMIVDCNATPVLVVQDDRLTQSMCLVGSTLRAPHGCHSQYMANMGSIASLAMAVIINGNEDDGSNVASGRSSMRLWGLV
VCHHTSSRCIPFPLRYACEFLMQAFGLQLNMELQLALQMSEKRVLRTQTLLCDMLLRDSPAGIVTQSPSIMDLVKCDGAA
FLYHGKYYPLGVAPSEVQIKDVVEWLLANHADSTGLSTDSLGDAGYPGAAALGDAVCGMAVAYITKRDFLFWFRSHTAKE
IKWGGAKHHPEDKDDGQRMHPRSSFQAFLEVVKSRSQPWETAEMDAIHSLQLILRDSFKESEAAMNSKVVDGVVQPCRDM
AGEQGIDELGAVAREMVRLIETATVPIFAVDAGGCINGWNAKIAELTGLSVEEAMGKSLVSDLIYKENEATVNKLLSRAL
RGDEEKNVEVKLKTFSPELQGKAVFVVVNACSSKDYLNNIVGVCFVGQDVTSQKIVMDKFINIQGDYKAIVHSPNPLIPP
IFAADENTCCLEWNMAMEKLTGWSRSEVIGKMIVGEVFGSCCMLKGPDALTKFMIVLHNAIGGQDTDKFPFPFFDRNGKF
VQALLTANKRVSLEGKVIGAFCFLQIP
;
C,A
2 'polypeptide(L)'
;MMFLPTDYCCRLSDQEYMELVFENGQILAKGQRSNVSLHNQRTKSIMDLYEAEYNEDFMKSIIHGGGGAITNLGDTQVVP
QSHVAAAHETNMLESNKHVDDSETLKASSSKRMMVDYHNRKKIKFIPPDEQSVVADRSFKLGFDTSSVGFTEDSEGSMYL
SSSLDDESDDARPQVPARTRK
;
B
#
# COMPACT_ATOMS: atom_id res chain seq x y z
N GLY A 111 -38.13 -7.85 19.71
CA GLY A 111 -38.60 -6.50 19.50
C GLY A 111 -37.66 -5.45 20.08
N GLY A 112 -36.65 -5.09 19.29
CA GLY A 112 -35.67 -4.11 19.70
C GLY A 112 -36.09 -2.70 19.38
N TYR A 113 -35.10 -1.82 19.24
CA TYR A 113 -35.31 -0.43 18.91
C TYR A 113 -34.30 -0.01 17.86
N ILE A 114 -34.71 0.92 16.99
CA ILE A 114 -33.85 1.45 15.94
C ILE A 114 -33.89 2.97 16.00
N GLN A 115 -32.89 3.58 15.39
CA GLN A 115 -32.83 5.03 15.33
C GLN A 115 -33.88 5.55 14.34
N PRO A 116 -34.53 6.68 14.62
CA PRO A 116 -35.65 7.11 13.77
C PRO A 116 -35.24 7.58 12.38
N PHE A 117 -33.95 7.80 12.11
CA PHE A 117 -33.55 8.37 10.83
C PHE A 117 -33.67 7.39 9.67
N GLY A 118 -33.95 6.11 9.95
CA GLY A 118 -34.16 5.14 8.90
C GLY A 118 -35.34 4.25 9.16
N CYS A 119 -35.51 3.20 8.36
CA CYS A 119 -36.61 2.25 8.49
C CYS A 119 -36.08 0.85 8.32
N MET A 120 -36.83 -0.14 8.81
CA MET A 120 -36.38 -1.53 8.79
C MET A 120 -37.55 -2.45 8.53
N ILE A 121 -37.36 -3.40 7.62
CA ILE A 121 -38.36 -4.41 7.30
C ILE A 121 -37.66 -5.77 7.21
N ALA A 122 -38.22 -6.76 7.90
CA ALA A 122 -37.69 -8.12 7.89
C ALA A 122 -38.65 -9.03 7.17
N VAL A 123 -38.15 -9.74 6.16
CA VAL A 123 -38.97 -10.49 5.21
C VAL A 123 -38.46 -11.91 5.12
N ASP A 124 -39.37 -12.86 4.94
CA ASP A 124 -38.99 -14.26 4.74
C ASP A 124 -38.27 -14.41 3.40
N GLU A 125 -37.26 -15.28 3.38
CA GLU A 125 -36.45 -15.43 2.17
C GLU A 125 -37.19 -16.23 1.10
N SER A 126 -37.91 -17.28 1.50
CA SER A 126 -38.50 -18.19 0.53
C SER A 126 -39.73 -17.63 -0.16
N SER A 127 -40.60 -16.91 0.55
CA SER A 127 -41.86 -16.45 0.00
C SER A 127 -41.99 -14.93 -0.07
N PHE A 128 -40.98 -14.18 0.34
CA PHE A 128 -40.99 -12.72 0.27
C PHE A 128 -42.12 -12.10 1.08
N ARG A 129 -42.60 -12.79 2.11
CA ARG A 129 -43.68 -12.28 2.94
C ARG A 129 -43.12 -11.61 4.18
N ILE A 130 -43.60 -10.40 4.45
CA ILE A 130 -43.07 -9.58 5.53
C ILE A 130 -43.36 -10.24 6.87
N ILE A 131 -42.33 -10.32 7.73
CA ILE A 131 -42.47 -10.92 9.05
C ILE A 131 -42.23 -9.92 10.17
N GLY A 132 -41.62 -8.78 9.89
CA GLY A 132 -41.46 -7.76 10.93
C GLY A 132 -41.16 -6.42 10.31
N TYR A 133 -41.36 -5.37 11.12
CA TYR A 133 -41.08 -4.02 10.62
C TYR A 133 -41.04 -3.00 11.74
N SER A 134 -40.38 -1.87 11.50
CA SER A 134 -40.37 -0.79 12.46
C SER A 134 -41.70 -0.04 12.43
N GLU A 135 -42.02 0.62 13.55
CA GLU A 135 -43.30 1.31 13.66
C GLU A 135 -43.40 2.51 12.74
N ASN A 136 -42.27 3.04 12.28
CA ASN A 136 -42.27 4.22 11.41
C ASN A 136 -42.24 3.87 9.93
N ALA A 137 -42.47 2.60 9.58
CA ALA A 137 -42.31 2.18 8.19
C ALA A 137 -43.39 2.79 7.30
N ARG A 138 -44.65 2.79 7.76
CA ARG A 138 -45.72 3.29 6.92
C ARG A 138 -45.57 4.78 6.64
N GLU A 139 -45.18 5.55 7.64
CA GLU A 139 -45.01 6.99 7.44
C GLU A 139 -43.90 7.27 6.42
N MET A 140 -42.82 6.50 6.47
CA MET A 140 -41.70 6.75 5.56
C MET A 140 -42.00 6.27 4.15
N LEU A 141 -42.63 5.10 4.01
CA LEU A 141 -42.91 4.59 2.68
C LEU A 141 -44.01 5.37 1.97
N GLY A 142 -44.68 6.27 2.68
CA GLY A 142 -45.77 7.04 2.11
C GLY A 142 -47.11 6.36 2.17
N ILE A 143 -47.20 5.15 2.73
CA ILE A 143 -48.49 4.48 2.88
C ILE A 143 -49.42 5.33 3.73
N MET A 144 -48.90 5.89 4.82
CA MET A 144 -49.67 6.74 5.71
C MET A 144 -49.10 8.16 5.71
N ILE A 156 -50.94 -2.22 1.24
CA ILE A 156 -50.60 -1.72 2.57
C ILE A 156 -49.56 -2.62 3.21
N LEU A 157 -49.01 -2.16 4.34
CA LEU A 157 -47.96 -2.87 5.06
C LEU A 157 -48.57 -3.62 6.22
N ALA A 158 -48.38 -4.94 6.24
CA ALA A 158 -48.92 -5.78 7.30
C ALA A 158 -48.28 -7.15 7.22
N MET A 159 -48.52 -7.97 8.24
CA MET A 159 -48.01 -9.33 8.27
C MET A 159 -48.55 -10.12 7.09
N GLY A 160 -47.67 -10.83 6.39
CA GLY A 160 -48.05 -11.66 5.27
C GLY A 160 -48.04 -10.95 3.93
N THR A 161 -47.88 -9.64 3.92
CA THR A 161 -47.87 -8.89 2.66
C THR A 161 -46.59 -9.19 1.89
N ASP A 162 -46.70 -9.20 0.57
CA ASP A 162 -45.54 -9.41 -0.30
C ASP A 162 -44.76 -8.09 -0.40
N VAL A 163 -43.47 -8.14 -0.07
CA VAL A 163 -42.67 -6.92 -0.05
C VAL A 163 -42.54 -6.31 -1.44
N ARG A 164 -42.48 -7.14 -2.48
CA ARG A 164 -42.30 -6.61 -3.83
C ARG A 164 -43.43 -5.67 -4.25
N SER A 165 -44.62 -5.82 -3.66
CA SER A 165 -45.74 -4.94 -3.99
C SER A 165 -45.58 -3.53 -3.44
N LEU A 166 -44.58 -3.29 -2.59
CA LEU A 166 -44.32 -1.97 -2.05
C LEU A 166 -43.38 -1.16 -2.93
N PHE A 167 -42.79 -1.75 -3.96
CA PHE A 167 -41.80 -1.09 -4.79
C PHE A 167 -42.12 -1.33 -6.27
N THR A 168 -41.47 -0.52 -7.11
CA THR A 168 -41.71 -0.61 -8.55
C THR A 168 -41.17 -1.94 -9.10
N SER A 169 -41.38 -2.15 -10.40
CA SER A 169 -41.06 -3.43 -11.01
C SER A 169 -39.55 -3.67 -11.06
N SER A 170 -38.80 -2.68 -11.53
CA SER A 170 -37.34 -2.81 -11.55
C SER A 170 -36.77 -2.97 -10.15
N SER A 171 -37.35 -2.30 -9.16
CA SER A 171 -36.92 -2.51 -7.77
C SER A 171 -37.14 -3.96 -7.36
N SER A 172 -38.28 -4.55 -7.72
CA SER A 172 -38.52 -5.94 -7.39
C SER A 172 -37.51 -6.86 -8.09
N ILE A 173 -37.16 -6.55 -9.34
CA ILE A 173 -36.16 -7.37 -10.03
C ILE A 173 -34.83 -7.33 -9.30
N LEU A 174 -34.38 -6.12 -8.92
CA LEU A 174 -33.13 -6.00 -8.20
C LEU A 174 -33.18 -6.73 -6.87
N LEU A 175 -34.31 -6.62 -6.16
CA LEU A 175 -34.44 -7.29 -4.87
C LEU A 175 -34.36 -8.80 -5.02
N GLU A 176 -35.03 -9.37 -6.04
CA GLU A 176 -34.94 -10.80 -6.25
C GLU A 176 -33.52 -11.22 -6.58
N ARG A 177 -32.83 -10.44 -7.43
CA ARG A 177 -31.44 -10.74 -7.74
C ARG A 177 -30.58 -10.76 -6.49
N ALA A 178 -30.75 -9.79 -5.60
CA ALA A 178 -29.98 -9.76 -4.37
C ALA A 178 -30.33 -10.95 -3.47
N PHE A 179 -31.62 -11.30 -3.41
CA PHE A 179 -32.06 -12.41 -2.57
C PHE A 179 -31.51 -13.75 -3.02
N VAL A 180 -31.31 -13.96 -4.33
CA VAL A 180 -30.85 -15.25 -4.82
C VAL A 180 -29.33 -15.39 -4.82
N ALA A 181 -28.61 -14.40 -4.32
CA ALA A 181 -27.15 -14.43 -4.36
C ALA A 181 -26.59 -15.15 -3.13
N ARG A 182 -25.39 -15.68 -3.26
CA ARG A 182 -24.74 -16.36 -2.13
C ARG A 182 -24.09 -15.36 -1.19
N GLU A 183 -23.12 -14.60 -1.70
CA GLU A 183 -22.50 -13.53 -0.91
C GLU A 183 -23.35 -12.28 -1.06
N ILE A 184 -24.40 -12.22 -0.21
CA ILE A 184 -25.37 -11.13 -0.29
C ILE A 184 -24.72 -9.77 -0.06
N THR A 185 -23.55 -9.73 0.57
CA THR A 185 -22.88 -8.47 0.83
C THR A 185 -22.29 -7.85 -0.42
N LEU A 186 -22.29 -8.55 -1.55
CA LEU A 186 -21.77 -8.01 -2.80
C LEU A 186 -22.79 -7.21 -3.58
N LEU A 187 -24.06 -7.19 -3.18
CA LEU A 187 -25.11 -6.39 -3.84
C LEU A 187 -25.59 -5.28 -2.91
N ASN A 188 -24.73 -4.56 -2.18
CA ASN A 188 -25.12 -3.55 -1.15
C ASN A 188 -24.29 -2.29 -1.32
N PRO A 189 -24.83 -1.07 -1.52
CA PRO A 189 -26.26 -0.79 -1.45
C PRO A 189 -27.16 -0.85 -2.69
N VAL A 190 -28.36 -1.44 -2.65
CA VAL A 190 -29.35 -1.45 -3.76
C VAL A 190 -30.03 -0.09 -3.81
N TRP A 191 -30.44 0.44 -4.95
CA TRP A 191 -31.18 1.67 -5.18
C TRP A 191 -32.60 1.32 -5.62
N ILE A 192 -33.61 1.71 -4.83
CA ILE A 192 -34.98 1.35 -5.15
C ILE A 192 -35.88 2.57 -5.02
N HIS A 193 -37.10 2.43 -5.52
CA HIS A 193 -38.07 3.51 -5.55
C HIS A 193 -39.39 3.06 -4.94
N SER A 194 -40.03 3.96 -4.21
CA SER A 194 -41.29 3.64 -3.54
C SER A 194 -42.44 3.66 -4.53
N LYS A 195 -43.30 2.66 -4.46
CA LYS A 195 -44.39 2.53 -5.43
C LYS A 195 -45.36 3.69 -5.34
N ASN A 196 -45.71 4.11 -4.13
CA ASN A 196 -46.72 5.16 -3.96
C ASN A 196 -46.19 6.54 -4.29
N THR A 197 -45.14 6.98 -3.60
CA THR A 197 -44.64 8.34 -3.75
C THR A 197 -43.57 8.47 -4.82
N GLY A 198 -42.81 7.41 -5.10
CA GLY A 198 -41.77 7.48 -6.10
C GLY A 198 -40.46 8.08 -5.63
N LYS A 199 -40.19 8.07 -4.32
CA LYS A 199 -38.93 8.61 -3.82
C LYS A 199 -37.87 7.51 -3.78
N PRO A 200 -36.59 7.88 -3.92
CA PRO A 200 -35.52 6.87 -3.89
C PRO A 200 -35.06 6.52 -2.48
N PHE A 201 -34.72 5.26 -2.30
CA PHE A 201 -34.18 4.74 -1.05
C PHE A 201 -32.93 3.91 -1.34
N TYR A 202 -31.98 3.96 -0.40
CA TYR A 202 -30.87 3.01 -0.37
C TYR A 202 -31.22 1.88 0.58
N ALA A 203 -31.11 0.65 0.10
CA ALA A 203 -31.45 -0.54 0.88
C ALA A 203 -30.19 -1.35 1.11
N ILE A 204 -30.01 -1.79 2.36
CA ILE A 204 -28.90 -2.67 2.74
C ILE A 204 -29.49 -3.94 3.33
N LEU A 205 -29.10 -5.08 2.78
CA LEU A 205 -29.68 -6.36 3.14
C LEU A 205 -28.66 -7.22 3.86
N HIS A 206 -29.13 -8.00 4.84
CA HIS A 206 -28.28 -9.01 5.45
C HIS A 206 -29.16 -10.16 5.94
N ARG A 207 -28.50 -11.28 6.23
CA ARG A 207 -29.19 -12.52 6.56
C ARG A 207 -29.21 -12.75 8.06
N ILE A 208 -30.29 -13.38 8.52
CA ILE A 208 -30.44 -13.82 9.90
C ILE A 208 -31.05 -15.22 9.90
N ASP A 209 -31.29 -15.74 11.10
CA ASP A 209 -31.79 -17.11 11.22
C ASP A 209 -33.18 -17.26 10.59
N VAL A 210 -34.00 -16.22 10.65
CA VAL A 210 -35.39 -16.35 10.21
C VAL A 210 -35.55 -16.00 8.73
N GLY A 211 -34.81 -15.01 8.25
CA GLY A 211 -34.96 -14.54 6.89
C GLY A 211 -33.96 -13.48 6.52
N VAL A 212 -34.42 -12.41 5.88
CA VAL A 212 -33.55 -11.33 5.41
C VAL A 212 -34.04 -10.02 6.01
N VAL A 213 -33.10 -9.25 6.56
CA VAL A 213 -33.39 -7.93 7.12
C VAL A 213 -32.96 -6.87 6.11
N ILE A 214 -33.84 -5.90 5.86
CA ILE A 214 -33.62 -4.82 4.92
C ILE A 214 -33.66 -3.51 5.69
N ASP A 215 -32.57 -2.76 5.64
CA ASP A 215 -32.50 -1.42 6.20
C ASP A 215 -32.70 -0.41 5.07
N LEU A 216 -33.74 0.40 5.17
CA LEU A 216 -34.10 1.37 4.15
C LEU A 216 -33.76 2.78 4.65
N GLU A 217 -33.05 3.54 3.84
CA GLU A 217 -32.67 4.88 4.22
C GLU A 217 -33.00 5.86 3.09
N PRO A 218 -33.70 6.95 3.36
CA PRO A 218 -34.01 7.92 2.29
C PRO A 218 -32.75 8.47 1.66
N ALA A 219 -32.80 8.70 0.35
CA ALA A 219 -31.70 9.31 -0.37
C ALA A 219 -31.97 10.80 -0.53
N ARG A 220 -30.98 11.62 -0.20
CA ARG A 220 -31.18 13.07 -0.24
C ARG A 220 -31.03 13.63 -1.64
N THR A 221 -30.54 12.85 -2.59
CA THR A 221 -30.44 13.26 -3.98
C THR A 221 -31.42 12.43 -4.81
N GLU A 222 -32.28 13.10 -5.57
CA GLU A 222 -33.32 12.44 -6.35
C GLU A 222 -33.05 12.41 -7.84
N ASP A 223 -32.17 13.26 -8.34
CA ASP A 223 -31.81 13.31 -9.75
C ASP A 223 -30.93 12.11 -10.10
N PRO A 224 -31.29 11.27 -11.07
CA PRO A 224 -30.43 10.13 -11.41
C PRO A 224 -29.02 10.51 -11.84
N ALA A 225 -28.86 11.60 -12.57
CA ALA A 225 -27.53 11.99 -13.04
C ALA A 225 -26.60 12.27 -11.88
N LEU A 226 -27.08 13.01 -10.87
CA LEU A 226 -26.27 13.28 -9.69
C LEU A 226 -26.04 12.02 -8.86
N SER A 227 -27.00 11.09 -8.85
CA SER A 227 -26.78 9.82 -8.17
C SER A 227 -25.61 9.07 -8.77
N ILE A 228 -25.57 8.96 -10.10
CA ILE A 228 -24.46 8.25 -10.75
C ILE A 228 -23.16 8.99 -10.51
N ALA A 229 -23.18 10.33 -10.62
CA ALA A 229 -21.97 11.10 -10.38
C ALA A 229 -21.41 10.85 -8.99
N GLY A 230 -22.28 10.84 -7.97
CA GLY A 230 -21.81 10.60 -6.62
C GLY A 230 -21.31 9.18 -6.41
N ALA A 231 -21.96 8.20 -7.03
CA ALA A 231 -21.48 6.83 -6.92
C ALA A 231 -20.07 6.70 -7.49
N VAL A 232 -19.75 7.45 -8.54
CA VAL A 232 -18.38 7.41 -9.08
C VAL A 232 -17.41 8.19 -8.18
N GLN A 233 -17.86 9.31 -7.61
CA GLN A 233 -17.00 10.07 -6.72
C GLN A 233 -16.62 9.27 -5.49
N SER A 234 -17.49 8.38 -5.01
CA SER A 234 -17.13 7.59 -3.83
C SER A 234 -15.86 6.77 -4.06
N GLN A 235 -15.56 6.42 -5.31
CA GLN A 235 -14.32 5.72 -5.65
C GLN A 235 -13.18 6.69 -5.89
N LYS A 236 -13.45 7.76 -6.64
CA LYS A 236 -12.38 8.70 -6.95
C LYS A 236 -11.80 9.35 -5.70
N LEU A 237 -12.66 9.70 -4.74
CA LEU A 237 -12.20 10.34 -3.50
C LEU A 237 -11.32 9.39 -2.69
N ALA A 238 -11.74 8.13 -2.57
CA ALA A 238 -10.93 7.16 -1.84
C ALA A 238 -9.55 7.01 -2.48
N VAL A 239 -9.51 6.92 -3.80
CA VAL A 239 -8.21 6.77 -4.47
C VAL A 239 -7.33 7.99 -4.20
N ARG A 240 -7.90 9.18 -4.30
CA ARG A 240 -7.09 10.38 -4.10
C ARG A 240 -6.63 10.52 -2.65
N ALA A 241 -7.40 9.98 -1.71
CA ALA A 241 -6.98 10.02 -0.31
C ALA A 241 -5.87 9.02 -0.03
N ILE A 242 -5.98 7.81 -0.58
CA ILE A 242 -4.96 6.79 -0.34
C ILE A 242 -3.65 7.15 -1.01
N SER A 243 -3.69 7.88 -2.11
CA SER A 243 -2.44 8.31 -2.72
C SER A 243 -1.60 9.17 -1.77
N GLN A 244 -2.20 9.76 -0.74
CA GLN A 244 -1.47 10.56 0.23
C GLN A 244 -0.84 9.71 1.32
N LEU A 245 -1.40 8.54 1.62
CA LEU A 245 -0.74 7.59 2.50
C LEU A 245 0.40 6.87 1.80
N GLN A 246 0.25 6.56 0.52
CA GLN A 246 1.36 5.93 -0.22
C GLN A 246 2.62 6.76 -0.14
N ALA A 247 2.49 8.08 -0.05
CA ALA A 247 3.63 8.98 -0.18
C ALA A 247 4.41 9.16 1.12
N LEU A 248 4.03 8.47 2.20
CA LEU A 248 4.75 8.60 3.45
C LEU A 248 6.06 7.80 3.40
N PRO A 249 7.09 8.25 4.13
CA PRO A 249 8.37 7.52 4.11
C PRO A 249 8.26 6.05 4.47
N GLY A 250 7.43 5.71 5.46
CA GLY A 250 7.20 4.33 5.81
C GLY A 250 7.92 3.84 7.06
N GLY A 251 8.22 4.73 8.00
CA GLY A 251 8.89 4.31 9.22
C GLY A 251 8.43 5.03 10.48
N ASP A 252 7.18 5.52 10.49
CA ASP A 252 6.69 6.33 11.60
C ASP A 252 5.20 6.09 11.73
N ILE A 253 4.75 5.64 12.92
CA ILE A 253 3.34 5.36 13.12
C ILE A 253 2.58 6.61 13.52
N LYS A 254 3.23 7.50 14.28
CA LYS A 254 2.59 8.75 14.68
C LYS A 254 2.21 9.60 13.48
N LEU A 255 3.13 9.71 12.51
CA LEU A 255 2.86 10.50 11.31
C LEU A 255 1.71 9.91 10.52
N LEU A 256 1.68 8.57 10.40
CA LEU A 256 0.59 7.91 9.71
C LEU A 256 -0.75 8.22 10.37
N CYS A 257 -0.81 8.11 11.70
CA CYS A 257 -2.05 8.38 12.41
C CYS A 257 -2.50 9.82 12.23
N ASP A 258 -1.55 10.78 12.31
CA ASP A 258 -1.92 12.18 12.12
C ASP A 258 -2.47 12.44 10.73
N THR A 259 -1.83 11.88 9.70
CA THR A 259 -2.31 12.06 8.34
C THR A 259 -3.72 11.51 8.18
N VAL A 260 -3.98 10.32 8.73
CA VAL A 260 -5.31 9.74 8.61
C VAL A 260 -6.34 10.60 9.33
N VAL A 261 -5.98 11.14 10.50
CA VAL A 261 -6.92 11.99 11.23
C VAL A 261 -7.29 13.20 10.39
N GLU A 262 -6.30 13.86 9.80
CA GLU A 262 -6.61 15.05 9.01
C GLU A 262 -7.45 14.70 7.79
N SER A 263 -7.15 13.59 7.12
CA SER A 263 -7.92 13.21 5.95
C SER A 263 -9.38 12.92 6.30
N VAL A 264 -9.61 12.17 7.38
CA VAL A 264 -10.98 11.84 7.76
C VAL A 264 -11.74 13.10 8.15
N ARG A 265 -11.08 14.01 8.88
CA ARG A 265 -11.75 15.26 9.24
C ARG A 265 -12.13 16.06 8.01
N ASP A 266 -11.23 16.13 7.02
CA ASP A 266 -11.56 16.87 5.80
C ASP A 266 -12.72 16.22 5.05
N LEU A 267 -12.75 14.88 5.00
CA LEU A 267 -13.82 14.21 4.26
C LEU A 267 -15.17 14.39 4.94
N THR A 268 -15.26 14.15 6.25
CA THR A 268 -16.55 14.16 6.93
C THR A 268 -16.92 15.51 7.53
N GLY A 269 -15.96 16.30 7.98
CA GLY A 269 -16.24 17.62 8.51
C GLY A 269 -16.71 17.67 9.94
N TYR A 270 -16.59 16.57 10.68
CA TYR A 270 -17.03 16.54 12.08
C TYR A 270 -16.25 17.55 12.92
N ASP A 271 -16.72 17.77 14.15
CA ASP A 271 -16.05 18.71 15.04
C ASP A 271 -14.79 18.11 15.65
N ARG A 272 -14.80 16.82 15.97
CA ARG A 272 -13.64 16.19 16.59
C ARG A 272 -13.41 14.82 15.97
N VAL A 273 -12.14 14.51 15.67
CA VAL A 273 -11.73 13.21 15.13
C VAL A 273 -10.53 12.74 15.94
N MET A 274 -10.59 11.49 16.41
CA MET A 274 -9.57 10.93 17.30
C MET A 274 -9.21 9.51 16.87
N VAL A 275 -8.00 9.10 17.24
CA VAL A 275 -7.52 7.73 17.07
C VAL A 275 -7.34 7.11 18.44
N HIS A 276 -7.97 5.96 18.65
CA HIS A 276 -7.90 5.22 19.90
C HIS A 276 -7.12 3.93 19.68
N LYS A 277 -6.14 3.68 20.54
CA LYS A 277 -5.32 2.48 20.49
C LYS A 277 -5.58 1.62 21.71
N PHE A 278 -5.68 0.30 21.51
CA PHE A 278 -5.89 -0.62 22.61
C PHE A 278 -4.57 -1.31 22.99
N HIS A 279 -4.43 -1.63 24.27
CA HIS A 279 -3.22 -2.20 24.83
C HIS A 279 -3.43 -3.67 25.14
N GLU A 280 -2.38 -4.33 25.65
CA GLU A 280 -2.49 -5.73 26.02
C GLU A 280 -3.46 -5.93 27.17
N ASP A 281 -3.47 -5.00 28.13
CA ASP A 281 -4.49 -4.97 29.18
C ASP A 281 -5.87 -4.72 28.61
N GLU A 282 -5.95 -4.20 27.38
CA GLU A 282 -7.18 -3.86 26.68
C GLU A 282 -7.73 -2.50 27.07
N HIS A 283 -7.00 -1.71 27.82
CA HIS A 283 -7.43 -0.35 28.08
C HIS A 283 -7.06 0.54 26.89
N GLY A 284 -7.70 1.70 26.80
CA GLY A 284 -7.54 2.53 25.63
C GLY A 284 -6.70 3.77 25.84
N GLU A 285 -6.11 4.28 24.77
CA GLU A 285 -5.37 5.54 24.82
C GLU A 285 -5.74 6.35 23.59
N VAL A 286 -5.71 7.67 23.71
CA VAL A 286 -5.98 8.57 22.60
C VAL A 286 -4.64 9.05 22.06
N VAL A 287 -4.29 8.66 20.84
CA VAL A 287 -2.96 8.92 20.31
C VAL A 287 -2.90 10.03 19.27
N ALA A 288 -4.02 10.39 18.65
CA ALA A 288 -4.04 11.50 17.69
C ALA A 288 -5.42 12.13 17.71
N GLU A 289 -5.48 13.41 17.35
CA GLU A 289 -6.74 14.12 17.43
C GLU A 289 -6.66 15.43 16.66
N SER A 290 -7.75 15.77 15.98
CA SER A 290 -7.93 17.06 15.31
C SER A 290 -9.32 17.59 15.64
N LYS A 291 -9.41 18.88 15.94
CA LYS A 291 -10.64 19.45 16.49
C LYS A 291 -10.69 20.95 16.20
N ARG A 292 -11.80 21.57 16.62
CA ARG A 292 -11.90 23.02 16.59
C ARG A 292 -10.92 23.65 17.58
N ASP A 293 -10.71 24.96 17.43
CA ASP A 293 -9.80 25.66 18.33
C ASP A 293 -10.40 25.89 19.72
N ASP A 294 -11.72 25.92 19.83
CA ASP A 294 -12.39 26.29 21.08
C ASP A 294 -12.80 25.08 21.92
N LEU A 295 -12.44 23.87 21.52
CA LEU A 295 -12.77 22.67 22.27
C LEU A 295 -11.58 22.22 23.10
N GLU A 296 -11.86 21.51 24.18
CA GLU A 296 -10.80 21.04 25.08
C GLU A 296 -10.14 19.78 24.50
N PRO A 297 -8.82 19.68 24.54
CA PRO A 297 -8.15 18.52 23.93
C PRO A 297 -8.32 17.26 24.77
N TYR A 298 -8.20 16.12 24.09
CA TYR A 298 -8.27 14.81 24.72
C TYR A 298 -7.05 13.95 24.44
N ILE A 299 -6.01 14.52 23.82
CA ILE A 299 -4.83 13.73 23.48
C ILE A 299 -4.06 13.40 24.76
N GLY A 300 -3.75 12.12 24.95
CA GLY A 300 -3.05 11.66 26.12
C GLY A 300 -3.93 11.01 27.16
N LEU A 301 -5.21 10.80 26.87
CA LEU A 301 -6.14 10.27 27.86
C LEU A 301 -6.07 8.75 27.88
N HIS A 302 -5.99 8.17 29.07
CA HIS A 302 -6.13 6.74 29.28
C HIS A 302 -7.41 6.48 30.06
N TYR A 303 -8.12 5.41 29.69
CA TYR A 303 -9.36 5.08 30.35
C TYR A 303 -9.45 3.57 30.52
N PRO A 304 -10.26 3.08 31.45
CA PRO A 304 -10.28 1.65 31.73
C PRO A 304 -10.69 0.83 30.51
N ALA A 305 -10.60 -0.49 30.67
CA ALA A 305 -11.00 -1.40 29.59
C ALA A 305 -12.48 -1.76 29.65
N THR A 306 -13.18 -1.36 30.71
CA THR A 306 -14.59 -1.68 30.84
C THR A 306 -15.49 -0.61 30.24
N ASP A 307 -14.93 0.46 29.69
CA ASP A 307 -15.75 1.47 29.03
C ASP A 307 -16.26 0.99 27.68
N ILE A 308 -15.63 -0.01 27.10
CA ILE A 308 -16.07 -0.62 25.85
C ILE A 308 -16.26 -2.11 26.09
N PRO A 309 -17.47 -2.57 26.35
CA PRO A 309 -17.68 -3.99 26.64
C PRO A 309 -17.12 -4.88 25.52
N GLN A 310 -17.10 -6.19 25.81
CA GLN A 310 -16.52 -7.14 24.85
C GLN A 310 -17.44 -7.36 23.66
N ALA A 311 -18.75 -7.21 23.85
CA ALA A 311 -19.68 -7.36 22.73
C ALA A 311 -19.44 -6.32 21.65
N SER A 312 -19.18 -5.08 22.06
CA SER A 312 -18.89 -4.03 21.10
C SER A 312 -17.62 -4.32 20.31
N ARG A 313 -16.58 -4.79 20.99
CA ARG A 313 -15.34 -5.12 20.31
C ARG A 313 -15.54 -6.29 19.37
N PHE A 314 -16.37 -7.26 19.75
CA PHE A 314 -16.68 -8.37 18.87
C PHE A 314 -17.39 -7.90 17.61
N LEU A 315 -18.34 -6.96 17.76
CA LEU A 315 -19.10 -6.51 16.60
C LEU A 315 -18.27 -5.60 15.70
N PHE A 316 -17.28 -4.89 16.25
CA PHE A 316 -16.48 -4.02 15.40
C PHE A 316 -15.64 -4.79 14.40
N LYS A 317 -15.54 -6.11 14.55
CA LYS A 317 -14.82 -6.91 13.56
C LYS A 317 -15.74 -7.36 12.43
N GLN A 318 -16.96 -7.77 12.76
CA GLN A 318 -17.90 -8.27 11.77
C GLN A 318 -18.53 -7.14 10.96
N ASN A 319 -18.80 -6.00 11.60
CA ASN A 319 -19.44 -4.85 10.96
C ASN A 319 -18.60 -3.62 11.29
N ARG A 320 -17.80 -3.17 10.34
CA ARG A 320 -16.68 -2.28 10.65
C ARG A 320 -17.07 -0.82 10.78
N VAL A 321 -18.35 -0.48 10.95
CA VAL A 321 -18.76 0.91 11.12
C VAL A 321 -19.93 0.97 12.10
N ARG A 322 -19.97 2.03 12.90
CA ARG A 322 -21.10 2.32 13.78
C ARG A 322 -21.41 3.80 13.65
N MET A 323 -22.69 4.14 13.46
CA MET A 323 -23.11 5.52 13.32
C MET A 323 -24.31 5.79 14.23
N ILE A 324 -24.27 6.93 14.92
CA ILE A 324 -25.36 7.39 15.75
C ILE A 324 -25.67 8.83 15.36
N VAL A 325 -26.88 9.06 14.86
CA VAL A 325 -27.24 10.36 14.30
C VAL A 325 -27.65 11.33 15.39
N ASP A 326 -28.42 10.86 16.37
CA ASP A 326 -28.88 11.72 17.46
C ASP A 326 -29.11 10.82 18.68
N CYS A 327 -28.35 11.07 19.75
CA CYS A 327 -28.48 10.27 20.96
C CYS A 327 -29.74 10.62 21.74
N ASN A 328 -30.24 11.84 21.61
CA ASN A 328 -31.44 12.29 22.31
C ASN A 328 -32.72 11.88 21.59
N ALA A 329 -32.63 11.40 20.36
CA ALA A 329 -33.81 11.04 19.58
C ALA A 329 -34.55 9.89 20.24
N THR A 330 -35.87 9.90 20.13
CA THR A 330 -36.67 8.84 20.73
C THR A 330 -36.58 7.58 19.87
N PRO A 331 -36.23 6.44 20.44
CA PRO A 331 -36.15 5.21 19.63
C PRO A 331 -37.52 4.78 19.13
N VAL A 332 -37.50 3.89 18.15
CA VAL A 332 -38.71 3.38 17.50
C VAL A 332 -38.77 1.88 17.71
N LEU A 333 -39.89 1.40 18.23
CA LEU A 333 -40.06 -0.02 18.48
C LEU A 333 -40.10 -0.79 17.17
N VAL A 334 -39.64 -2.04 17.20
CA VAL A 334 -39.71 -2.94 16.06
C VAL A 334 -40.69 -4.06 16.38
N VAL A 335 -41.76 -4.17 15.59
CA VAL A 335 -42.78 -5.19 15.79
C VAL A 335 -42.42 -6.40 14.94
N GLN A 336 -42.76 -7.58 15.42
CA GLN A 336 -42.46 -8.82 14.70
C GLN A 336 -43.63 -9.78 14.80
N ASP A 337 -43.59 -10.80 13.96
CA ASP A 337 -44.64 -11.83 13.96
C ASP A 337 -44.69 -12.52 15.31
N ASP A 338 -45.90 -12.73 15.82
CA ASP A 338 -46.08 -13.41 17.09
C ASP A 338 -45.83 -14.91 17.01
N ARG A 339 -45.65 -15.45 15.80
CA ARG A 339 -45.41 -16.88 15.64
C ARG A 339 -43.96 -17.28 15.87
N LEU A 340 -43.04 -16.31 15.92
CA LEU A 340 -41.64 -16.64 16.12
C LEU A 340 -41.36 -16.99 17.57
N THR A 341 -40.52 -18.00 17.77
CA THR A 341 -40.23 -18.50 19.11
C THR A 341 -39.30 -17.59 19.90
N GLN A 342 -38.61 -16.67 19.23
CA GLN A 342 -37.67 -15.78 19.90
C GLN A 342 -37.61 -14.45 19.15
N SER A 343 -37.12 -13.43 19.84
CA SER A 343 -37.00 -12.12 19.24
C SER A 343 -35.93 -12.13 18.15
N MET A 344 -36.14 -11.29 17.14
CA MET A 344 -35.20 -11.24 16.02
C MET A 344 -33.87 -10.66 16.46
N CYS A 345 -32.81 -11.07 15.77
CA CYS A 345 -31.45 -10.64 16.08
C CYS A 345 -31.13 -9.41 15.25
N LEU A 346 -31.30 -8.23 15.84
CA LEU A 346 -31.03 -6.97 15.17
C LEU A 346 -29.60 -6.48 15.41
N VAL A 347 -28.72 -7.36 15.88
CA VAL A 347 -27.37 -6.93 16.24
C VAL A 347 -26.62 -6.40 15.03
N GLY A 348 -26.77 -7.07 13.89
CA GLY A 348 -26.07 -6.66 12.69
C GLY A 348 -26.68 -5.51 11.92
N SER A 349 -27.86 -5.06 12.30
CA SER A 349 -28.52 -3.97 11.60
C SER A 349 -27.79 -2.65 11.87
N THR A 350 -27.74 -1.81 10.84
CA THR A 350 -27.05 -0.53 10.92
C THR A 350 -27.87 0.55 11.60
N LEU A 351 -29.17 0.32 11.82
CA LEU A 351 -30.05 1.29 12.44
C LEU A 351 -30.33 1.00 13.90
N ARG A 352 -29.63 0.03 14.50
CA ARG A 352 -29.87 -0.35 15.89
C ARG A 352 -29.65 0.83 16.81
N ALA A 353 -30.49 0.93 17.85
CA ALA A 353 -30.42 2.06 18.76
C ALA A 353 -29.31 1.87 19.79
N PRO A 354 -28.73 2.96 20.29
CA PRO A 354 -27.65 2.83 21.28
C PRO A 354 -28.18 2.45 22.66
N HIS A 355 -27.25 2.05 23.52
CA HIS A 355 -27.59 1.65 24.87
C HIS A 355 -27.82 2.86 25.77
N GLY A 356 -28.41 2.63 26.93
CA GLY A 356 -28.59 3.71 27.89
C GLY A 356 -27.27 4.21 28.46
N CYS A 357 -26.37 3.28 28.80
CA CYS A 357 -25.07 3.68 29.34
C CYS A 357 -24.35 4.62 28.39
N HIS A 358 -24.20 4.21 27.12
CA HIS A 358 -23.42 5.01 26.18
C HIS A 358 -24.18 6.27 25.77
N SER A 359 -25.51 6.20 25.65
CA SER A 359 -26.29 7.39 25.34
C SER A 359 -26.12 8.45 26.42
N GLN A 360 -26.20 8.04 27.69
CA GLN A 360 -25.98 8.97 28.79
C GLN A 360 -24.54 9.49 28.81
N TYR A 361 -23.57 8.62 28.52
CA TYR A 361 -22.18 9.06 28.44
C TYR A 361 -22.01 10.14 27.39
N MET A 362 -22.60 9.95 26.21
CA MET A 362 -22.51 10.94 25.15
C MET A 362 -23.18 12.24 25.56
N ALA A 363 -24.36 12.14 26.19
CA ALA A 363 -25.06 13.36 26.63
C ALA A 363 -24.23 14.14 27.64
N ASN A 364 -23.62 13.45 28.62
CA ASN A 364 -22.78 14.13 29.60
C ASN A 364 -21.55 14.75 28.95
N MET A 365 -20.91 14.03 28.03
CA MET A 365 -19.70 14.55 27.40
C MET A 365 -20.01 15.73 26.50
N GLY A 366 -21.23 15.80 25.96
CA GLY A 366 -21.62 16.85 25.06
C GLY A 366 -21.63 16.48 23.59
N SER A 367 -21.72 15.19 23.26
CA SER A 367 -21.68 14.71 21.89
C SER A 367 -23.05 14.20 21.49
N ILE A 368 -23.60 14.77 20.41
CA ILE A 368 -24.94 14.43 19.93
C ILE A 368 -24.87 13.38 18.83
N ALA A 369 -23.83 13.43 17.99
CA ALA A 369 -23.65 12.49 16.90
C ALA A 369 -22.29 11.81 17.00
N SER A 370 -22.20 10.60 16.45
CA SER A 370 -20.98 9.81 16.54
C SER A 370 -20.80 8.91 15.33
N LEU A 371 -19.55 8.66 14.95
CA LEU A 371 -19.19 7.73 13.90
C LEU A 371 -17.88 7.04 14.26
N ALA A 372 -17.91 5.71 14.35
CA ALA A 372 -16.75 4.93 14.76
C ALA A 372 -16.41 3.86 13.72
N MET A 373 -15.12 3.71 13.43
CA MET A 373 -14.64 2.77 12.42
C MET A 373 -13.50 1.94 13.00
N ALA A 374 -13.43 0.67 12.59
CA ALA A 374 -12.49 -0.28 13.17
C ALA A 374 -11.16 -0.28 12.43
N VAL A 375 -10.09 -0.61 13.16
CA VAL A 375 -8.75 -0.77 12.61
C VAL A 375 -8.36 -2.23 12.79
N ILE A 376 -8.12 -2.93 11.69
CA ILE A 376 -7.90 -4.36 11.68
C ILE A 376 -6.49 -4.65 11.18
N ILE A 377 -5.79 -5.54 11.87
CA ILE A 377 -4.48 -6.02 11.46
C ILE A 377 -4.46 -7.54 11.55
N ASN A 378 -3.37 -8.15 11.11
CA ASN A 378 -3.23 -9.61 11.20
C ASN A 378 -2.86 -10.03 12.61
N GLY A 379 -3.59 -11.01 13.12
CA GLY A 379 -3.37 -11.48 14.48
C GLY A 379 -2.54 -12.73 14.53
N ASN A 380 -3.13 -13.83 14.98
CA ASN A 380 -2.41 -15.09 15.09
C ASN A 380 -3.38 -16.24 15.36
N SER A 393 -7.80 -15.21 11.19
CA SER A 393 -7.71 -14.59 12.51
C SER A 393 -7.07 -13.22 12.42
N MET A 394 -7.83 -12.19 12.80
CA MET A 394 -7.39 -10.81 12.75
C MET A 394 -7.58 -10.15 14.11
N ARG A 395 -6.92 -9.03 14.29
CA ARG A 395 -6.86 -8.32 15.56
C ARG A 395 -7.40 -6.91 15.41
N LEU A 396 -8.11 -6.45 16.44
CA LEU A 396 -8.64 -5.09 16.50
C LEU A 396 -7.61 -4.23 17.21
N TRP A 397 -6.90 -3.40 16.44
CA TRP A 397 -5.85 -2.57 17.01
C TRP A 397 -6.42 -1.36 17.74
N GLY A 398 -7.50 -0.80 17.22
CA GLY A 398 -8.06 0.40 17.80
C GLY A 398 -9.30 0.84 17.05
N LEU A 399 -9.52 2.15 17.02
CA LEU A 399 -10.69 2.76 16.44
C LEU A 399 -10.37 4.17 15.96
N VAL A 400 -11.18 4.67 15.05
CA VAL A 400 -11.25 6.10 14.72
C VAL A 400 -12.63 6.57 15.14
N VAL A 401 -12.67 7.62 15.96
CA VAL A 401 -13.90 8.07 16.60
C VAL A 401 -14.15 9.53 16.24
N CYS A 402 -15.38 9.85 15.85
CA CYS A 402 -15.77 11.19 15.42
C CYS A 402 -16.93 11.70 16.29
N HIS A 403 -16.86 12.97 16.67
CA HIS A 403 -17.90 13.59 17.49
C HIS A 403 -18.32 14.92 16.89
N HIS A 404 -19.62 15.20 16.99
CA HIS A 404 -20.21 16.44 16.54
C HIS A 404 -21.11 16.99 17.65
N THR A 405 -21.07 18.31 17.83
CA THR A 405 -21.87 18.96 18.87
C THR A 405 -23.36 18.96 18.57
N SER A 406 -23.79 18.64 17.36
CA SER A 406 -25.19 18.60 17.01
C SER A 406 -25.44 17.42 16.06
N SER A 407 -26.71 17.17 15.77
CA SER A 407 -27.09 16.04 14.95
C SER A 407 -26.45 16.10 13.58
N ARG A 408 -26.03 14.94 13.06
CA ARG A 408 -25.35 14.88 11.78
C ARG A 408 -25.58 13.53 11.12
N CYS A 409 -25.89 13.57 9.82
CA CYS A 409 -26.02 12.37 9.00
C CYS A 409 -25.44 12.68 7.63
N ILE A 410 -24.33 12.04 7.29
CA ILE A 410 -23.62 12.35 6.06
C ILE A 410 -24.10 11.44 4.93
N PRO A 411 -24.01 11.87 3.67
CA PRO A 411 -24.48 11.04 2.57
C PRO A 411 -23.56 9.86 2.28
N PHE A 412 -24.10 8.88 1.55
CA PHE A 412 -23.41 7.62 1.34
C PHE A 412 -22.05 7.74 0.65
N PRO A 413 -21.89 8.53 -0.41
CA PRO A 413 -20.58 8.55 -1.09
C PRO A 413 -19.42 8.85 -0.16
N LEU A 414 -19.58 9.77 0.78
CA LEU A 414 -18.52 10.09 1.72
C LEU A 414 -18.30 9.00 2.76
N ARG A 415 -19.37 8.37 3.23
CA ARG A 415 -19.20 7.22 4.12
C ARG A 415 -18.34 6.16 3.46
N TYR A 416 -18.61 5.82 2.21
CA TYR A 416 -17.83 4.80 1.54
C TYR A 416 -16.43 5.28 1.18
N ALA A 417 -16.25 6.57 0.89
CA ALA A 417 -14.92 7.10 0.71
C ALA A 417 -14.06 6.90 1.97
N CYS A 418 -14.66 7.03 3.15
CA CYS A 418 -13.95 6.76 4.41
C CYS A 418 -13.73 5.27 4.66
N GLU A 419 -14.76 4.47 4.37
CA GLU A 419 -14.66 3.03 4.60
C GLU A 419 -13.58 2.39 3.73
N PHE A 420 -13.33 2.95 2.54
CA PHE A 420 -12.26 2.42 1.70
C PHE A 420 -10.89 2.84 2.22
N LEU A 421 -10.76 4.06 2.76
CA LEU A 421 -9.49 4.52 3.28
C LEU A 421 -9.07 3.73 4.52
N MET A 422 -10.05 3.25 5.29
CA MET A 422 -9.71 2.47 6.48
C MET A 422 -8.88 1.23 6.16
N GLN A 423 -9.17 0.55 5.04
CA GLN A 423 -8.44 -0.66 4.70
C GLN A 423 -6.98 -0.37 4.38
N ALA A 424 -6.71 0.67 3.61
CA ALA A 424 -5.34 1.06 3.33
C ALA A 424 -4.60 1.43 4.61
N PHE A 425 -5.30 2.11 5.52
CA PHE A 425 -4.69 2.46 6.80
C PHE A 425 -4.28 1.20 7.56
N GLY A 426 -5.15 0.19 7.57
CA GLY A 426 -4.80 -1.06 8.23
C GLY A 426 -3.58 -1.74 7.62
N LEU A 427 -3.53 -1.82 6.29
CA LEU A 427 -2.37 -2.39 5.61
C LEU A 427 -1.08 -1.70 6.05
N GLN A 428 -1.05 -0.38 5.94
CA GLN A 428 0.19 0.34 6.25
C GLN A 428 0.57 0.15 7.72
N LEU A 429 -0.41 0.16 8.62
CA LEU A 429 -0.11 -0.01 10.03
C LEU A 429 0.56 -1.36 10.29
N ASN A 430 0.04 -2.42 9.67
CA ASN A 430 0.65 -3.73 9.84
C ASN A 430 2.10 -3.74 9.34
N MET A 431 2.34 -3.15 8.17
CA MET A 431 3.72 -3.03 7.68
C MET A 431 4.62 -2.38 8.71
N GLU A 432 4.18 -1.25 9.26
CA GLU A 432 5.02 -0.50 10.20
C GLU A 432 5.33 -1.33 11.43
N LEU A 433 4.34 -2.06 11.94
CA LEU A 433 4.59 -2.87 13.12
C LEU A 433 5.67 -3.91 12.86
N GLN A 434 5.60 -4.59 11.72
CA GLN A 434 6.60 -5.62 11.43
C GLN A 434 8.00 -5.02 11.34
N LEU A 435 8.13 -3.88 10.63
CA LEU A 435 9.46 -3.28 10.50
C LEU A 435 10.02 -2.86 11.86
N ALA A 436 9.18 -2.25 12.70
CA ALA A 436 9.67 -1.84 14.02
C ALA A 436 10.14 -3.05 14.82
N LEU A 437 9.41 -4.16 14.74
CA LEU A 437 9.81 -5.36 15.46
C LEU A 437 11.21 -5.81 15.02
N GLN A 438 11.45 -5.87 13.71
CA GLN A 438 12.76 -6.31 13.22
C GLN A 438 13.88 -5.38 13.66
N MET A 439 13.67 -4.07 13.58
CA MET A 439 14.71 -3.14 14.01
C MET A 439 15.02 -3.31 15.49
N SER A 440 14.00 -3.53 16.31
CA SER A 440 14.24 -3.76 17.73
C SER A 440 15.11 -4.98 17.95
N GLU A 441 14.84 -6.06 17.23
CA GLU A 441 15.67 -7.26 17.37
C GLU A 441 17.12 -6.96 17.02
N LYS A 442 17.34 -6.25 15.92
CA LYS A 442 18.71 -5.91 15.52
C LYS A 442 19.41 -5.11 16.62
N ARG A 443 18.70 -4.14 17.20
CA ARG A 443 19.27 -3.31 18.25
C ARG A 443 19.68 -4.14 19.46
N VAL A 444 18.80 -5.04 19.91
CA VAL A 444 19.09 -5.82 21.11
C VAL A 444 20.30 -6.72 20.87
N LEU A 445 20.39 -7.32 19.68
CA LEU A 445 21.56 -8.14 19.38
C LEU A 445 22.85 -7.32 19.42
N ARG A 446 22.83 -6.13 18.83
CA ARG A 446 24.05 -5.31 18.83
C ARG A 446 24.48 -4.98 20.26
N THR A 447 23.51 -4.59 21.10
CA THR A 447 23.84 -4.25 22.48
C THR A 447 24.40 -5.45 23.23
N GLN A 448 23.79 -6.62 23.03
CA GLN A 448 24.29 -7.83 23.69
C GLN A 448 25.73 -8.13 23.27
N THR A 449 26.02 -7.97 21.98
CA THR A 449 27.38 -8.21 21.51
C THR A 449 28.38 -7.27 22.16
N LEU A 450 28.04 -5.98 22.24
CA LEU A 450 28.94 -5.04 22.89
C LEU A 450 29.15 -5.39 24.36
N LEU A 451 28.07 -5.79 25.05
CA LEU A 451 28.20 -6.16 26.46
C LEU A 451 29.09 -7.39 26.62
N CYS A 452 28.96 -8.37 25.73
CA CYS A 452 29.79 -9.57 25.83
C CYS A 452 31.26 -9.24 25.59
N ASP A 453 31.54 -8.36 24.62
CA ASP A 453 32.91 -7.89 24.44
C ASP A 453 33.43 -7.22 25.71
N MET A 454 32.60 -6.37 26.32
CA MET A 454 33.02 -5.66 27.53
C MET A 454 33.32 -6.66 28.65
N LEU A 455 32.50 -7.70 28.76
CA LEU A 455 32.75 -8.75 29.74
C LEU A 455 34.09 -9.44 29.48
N LEU A 456 34.38 -9.73 28.21
CA LEU A 456 35.65 -10.38 27.89
C LEU A 456 36.84 -9.49 28.22
N ARG A 457 36.72 -8.18 27.98
CA ARG A 457 37.84 -7.28 28.24
C ARG A 457 38.18 -7.16 29.72
N ASP A 458 37.18 -7.15 30.60
CA ASP A 458 37.39 -6.84 32.01
C ASP A 458 36.62 -7.84 32.87
N SER A 459 36.63 -7.60 34.18
CA SER A 459 35.86 -8.42 35.09
C SER A 459 34.37 -8.13 34.94
N PRO A 460 33.51 -9.02 35.44
CA PRO A 460 32.07 -8.81 35.28
C PRO A 460 31.59 -7.45 35.75
N ALA A 461 32.22 -6.88 36.77
CA ALA A 461 31.83 -5.55 37.24
C ALA A 461 31.89 -4.53 36.11
N GLY A 462 32.85 -4.67 35.20
CA GLY A 462 32.98 -3.74 34.09
C GLY A 462 31.76 -3.67 33.21
N ILE A 463 30.83 -4.62 33.36
CA ILE A 463 29.58 -4.56 32.60
C ILE A 463 28.77 -3.33 32.98
N VAL A 464 28.88 -2.88 34.23
CA VAL A 464 28.04 -1.79 34.74
C VAL A 464 28.86 -0.53 34.99
N THR A 465 29.96 -0.34 34.28
CA THR A 465 30.80 0.85 34.45
C THR A 465 30.86 1.74 33.23
N GLN A 466 30.86 1.19 32.03
CA GLN A 466 31.03 1.96 30.82
C GLN A 466 29.66 2.42 30.30
N SER A 467 29.67 3.21 29.24
CA SER A 467 28.42 3.79 28.74
C SER A 467 27.39 2.74 28.36
N PRO A 468 27.68 1.75 27.50
CA PRO A 468 26.79 0.59 27.42
C PRO A 468 26.72 -0.11 28.76
N SER A 469 25.52 -0.55 29.14
CA SER A 469 25.30 -1.19 30.42
C SER A 469 24.00 -1.99 30.35
N ILE A 470 23.76 -2.78 31.39
CA ILE A 470 22.55 -3.61 31.44
C ILE A 470 21.27 -2.78 31.47
N MET A 471 21.36 -1.47 31.59
CA MET A 471 20.19 -0.61 31.49
C MET A 471 19.73 -0.42 30.04
N ASP A 472 20.62 -0.59 29.08
CA ASP A 472 20.29 -0.41 27.67
C ASP A 472 19.76 -1.68 27.02
N LEU A 473 19.82 -2.81 27.71
CA LEU A 473 19.29 -4.05 27.14
C LEU A 473 17.77 -3.97 27.00
N VAL A 474 17.09 -3.43 28.00
CA VAL A 474 15.64 -3.31 27.99
C VAL A 474 15.26 -1.92 28.47
N LYS A 475 13.97 -1.62 28.36
CA LYS A 475 13.44 -0.34 28.85
C LYS A 475 13.15 -0.45 30.33
N CYS A 476 13.80 0.41 31.12
CA CYS A 476 13.71 0.33 32.57
C CYS A 476 14.04 1.69 33.16
N ASP A 477 13.70 1.85 34.44
CA ASP A 477 14.07 3.04 35.19
C ASP A 477 15.41 2.90 35.90
N GLY A 478 15.78 1.69 36.30
CA GLY A 478 17.08 1.48 36.91
C GLY A 478 17.50 0.04 36.79
N ALA A 479 18.74 -0.23 37.17
CA ALA A 479 19.29 -1.58 37.12
C ALA A 479 20.30 -1.75 38.25
N ALA A 480 20.65 -3.01 38.52
CA ALA A 480 21.57 -3.29 39.60
C ALA A 480 22.26 -4.62 39.36
N PHE A 481 23.50 -4.70 39.81
CA PHE A 481 24.31 -5.92 39.71
C PHE A 481 24.83 -6.27 41.10
N LEU A 482 24.52 -7.48 41.56
CA LEU A 482 25.05 -8.00 42.82
C LEU A 482 26.11 -9.04 42.47
N TYR A 483 27.34 -8.83 42.94
CA TYR A 483 28.49 -9.65 42.56
C TYR A 483 29.33 -9.91 43.79
N HIS A 484 29.30 -11.16 44.28
CA HIS A 484 30.07 -11.57 45.46
C HIS A 484 29.76 -10.68 46.68
N GLY A 485 28.51 -10.26 46.82
CA GLY A 485 28.12 -9.41 47.92
C GLY A 485 28.36 -7.94 47.68
N LYS A 486 28.99 -7.57 46.56
CA LYS A 486 29.19 -6.17 46.21
C LYS A 486 28.01 -5.68 45.39
N TYR A 487 27.59 -4.44 45.65
CA TYR A 487 26.40 -3.87 45.04
C TYR A 487 26.80 -2.78 44.04
N TYR A 488 26.25 -2.86 42.83
CA TYR A 488 26.48 -1.86 41.78
C TYR A 488 25.12 -1.36 41.30
N PRO A 489 24.64 -0.23 41.83
CA PRO A 489 23.37 0.32 41.36
C PRO A 489 23.54 1.33 40.23
N LEU A 490 22.50 1.43 39.40
CA LEU A 490 22.44 2.36 38.29
C LEU A 490 21.03 2.93 38.21
N GLY A 491 20.94 4.25 38.09
CA GLY A 491 19.64 4.89 37.97
C GLY A 491 18.86 4.82 39.27
N VAL A 492 17.57 4.51 39.15
CA VAL A 492 16.67 4.45 40.30
C VAL A 492 16.59 2.99 40.74
N ALA A 493 17.26 2.66 41.85
CA ALA A 493 17.29 1.30 42.35
C ALA A 493 17.18 1.33 43.86
N PRO A 494 16.76 0.23 44.49
CA PRO A 494 16.68 0.19 45.96
C PRO A 494 18.04 0.38 46.60
N SER A 495 18.03 0.41 47.94
CA SER A 495 19.25 0.54 48.71
C SER A 495 19.84 -0.85 49.01
N GLU A 496 21.09 -0.85 49.48
CA GLU A 496 21.80 -2.10 49.71
C GLU A 496 21.12 -2.96 50.78
N VAL A 497 20.67 -2.33 51.86
CA VAL A 497 19.93 -3.07 52.88
C VAL A 497 18.62 -3.60 52.29
N GLN A 498 17.93 -2.76 51.53
CA GLN A 498 16.70 -3.19 50.85
C GLN A 498 17.00 -4.33 49.88
N ILE A 499 18.10 -4.23 49.13
CA ILE A 499 18.44 -5.30 48.20
C ILE A 499 18.71 -6.60 48.94
N LYS A 500 19.38 -6.53 50.08
CA LYS A 500 19.59 -7.73 50.88
C LYS A 500 18.27 -8.32 51.35
N ASP A 501 17.32 -7.46 51.73
CA ASP A 501 16.01 -7.94 52.13
C ASP A 501 15.31 -8.64 50.98
N VAL A 502 15.39 -8.07 49.77
CA VAL A 502 14.74 -8.69 48.61
C VAL A 502 15.38 -10.02 48.29
N VAL A 503 16.71 -10.10 48.39
CA VAL A 503 17.40 -11.36 48.15
C VAL A 503 16.97 -12.41 49.17
N GLU A 504 16.83 -12.00 50.43
CA GLU A 504 16.34 -12.92 51.46
C GLU A 504 14.97 -13.46 51.09
N TRP A 505 14.05 -12.55 50.71
CA TRP A 505 12.71 -12.97 50.33
C TRP A 505 12.74 -13.91 49.13
N LEU A 506 13.55 -13.59 48.12
CA LEU A 506 13.61 -14.41 46.92
C LEU A 506 14.12 -15.81 47.23
N LEU A 507 15.18 -15.91 48.03
CA LEU A 507 15.68 -17.22 48.40
C LEU A 507 14.65 -17.99 49.23
N ALA A 508 13.93 -17.30 50.12
CA ALA A 508 12.92 -17.98 50.92
C ALA A 508 11.81 -18.53 50.06
N ASN A 509 11.36 -17.78 49.05
CA ASN A 509 10.18 -18.14 48.27
C ASN A 509 10.47 -18.48 46.82
N HIS A 510 11.64 -18.12 46.28
CA HIS A 510 11.94 -18.33 44.87
C HIS A 510 13.34 -18.89 44.64
N ALA A 511 13.84 -19.72 45.56
CA ALA A 511 15.17 -20.31 45.37
C ALA A 511 15.18 -21.25 44.18
N ASP A 512 14.11 -22.02 43.99
CA ASP A 512 14.02 -22.98 42.89
C ASP A 512 13.53 -22.29 41.62
N SER A 513 14.43 -21.56 40.99
CA SER A 513 14.13 -20.87 39.74
C SER A 513 15.43 -20.27 39.19
N THR A 514 15.36 -19.86 37.92
CA THR A 514 16.45 -19.13 37.29
C THR A 514 16.23 -17.63 37.25
N GLY A 515 15.11 -17.14 37.79
CA GLY A 515 14.78 -15.73 37.72
C GLY A 515 13.28 -15.57 37.63
N LEU A 516 12.86 -14.32 37.49
CA LEU A 516 11.44 -14.02 37.35
C LEU A 516 11.26 -12.55 37.00
N SER A 517 10.00 -12.16 36.86
CA SER A 517 9.64 -10.79 36.55
C SER A 517 8.23 -10.52 37.08
N THR A 518 8.01 -9.28 37.52
CA THR A 518 6.71 -8.90 38.04
C THR A 518 6.56 -7.39 37.88
N ASP A 519 5.31 -6.97 37.65
CA ASP A 519 5.00 -5.55 37.47
C ASP A 519 4.53 -4.88 38.76
N SER A 520 4.45 -5.62 39.86
CA SER A 520 4.08 -5.03 41.15
C SER A 520 4.56 -5.96 42.25
N LEU A 521 5.46 -5.46 43.10
CA LEU A 521 5.94 -6.28 44.22
C LEU A 521 4.85 -6.56 45.22
N GLY A 522 3.87 -5.65 45.36
CA GLY A 522 2.79 -5.89 46.29
C GLY A 522 1.96 -7.11 45.92
N ASP A 523 1.59 -7.20 44.64
CA ASP A 523 0.82 -8.37 44.20
C ASP A 523 1.63 -9.65 44.32
N ALA A 524 2.92 -9.60 44.01
CA ALA A 524 3.76 -10.78 44.20
C ALA A 524 3.78 -11.23 45.64
N GLY A 525 3.65 -10.29 46.58
CA GLY A 525 3.60 -10.61 47.99
C GLY A 525 4.85 -10.32 48.77
N TYR A 526 5.78 -9.53 48.23
CA TYR A 526 7.04 -9.23 48.91
C TYR A 526 6.75 -8.65 50.29
N PRO A 527 6.92 -9.42 51.37
CA PRO A 527 6.53 -8.90 52.69
C PRO A 527 7.39 -7.74 53.15
N GLY A 528 8.68 -7.76 52.82
CA GLY A 528 9.62 -6.84 53.41
C GLY A 528 9.48 -5.42 52.91
N ALA A 529 8.36 -4.78 53.25
CA ALA A 529 8.08 -3.41 52.84
C ALA A 529 8.10 -3.31 51.31
N ALA A 530 7.16 -4.04 50.70
CA ALA A 530 6.92 -3.87 49.28
C ALA A 530 6.71 -2.40 48.93
N ALA A 531 6.27 -1.61 49.90
CA ALA A 531 6.11 -0.16 49.72
C ALA A 531 7.50 0.48 49.69
N LEU A 532 8.21 0.22 48.59
CA LEU A 532 9.49 0.88 48.33
C LEU A 532 9.31 2.26 47.74
N GLY A 533 8.07 2.71 47.58
CA GLY A 533 7.78 3.98 46.95
C GLY A 533 7.20 3.80 45.55
N ASP A 534 6.80 4.92 44.98
CA ASP A 534 6.37 4.91 43.58
C ASP A 534 7.54 4.70 42.63
N ALA A 535 8.78 4.85 43.13
CA ALA A 535 9.95 4.76 42.26
C ALA A 535 10.28 3.33 41.88
N VAL A 536 10.02 2.37 42.76
CA VAL A 536 10.33 0.97 42.52
C VAL A 536 9.06 0.17 42.72
N CYS A 537 8.42 -0.22 41.61
CA CYS A 537 7.20 -1.03 41.65
C CYS A 537 7.33 -2.35 40.92
N GLY A 538 7.99 -2.36 39.77
CA GLY A 538 8.18 -3.58 39.00
C GLY A 538 9.65 -4.00 38.99
N MET A 539 9.87 -5.31 39.04
CA MET A 539 11.22 -5.84 39.15
C MET A 539 11.35 -7.09 38.29
N ALA A 540 12.46 -7.17 37.55
CA ALA A 540 12.84 -8.38 36.83
C ALA A 540 14.22 -8.81 37.30
N VAL A 541 14.35 -10.07 37.68
CA VAL A 541 15.57 -10.59 38.28
C VAL A 541 16.06 -11.78 37.47
N ALA A 542 17.37 -11.82 37.23
CA ALA A 542 18.02 -12.96 36.58
C ALA A 542 19.14 -13.47 37.50
N TYR A 543 19.12 -14.78 37.76
CA TYR A 543 20.13 -15.42 38.59
C TYR A 543 21.37 -15.72 37.76
N ILE A 544 22.53 -15.67 38.40
CA ILE A 544 23.78 -16.02 37.73
C ILE A 544 24.33 -17.35 38.24
N THR A 545 24.74 -17.44 39.51
CA THR A 545 25.03 -18.74 40.07
C THR A 545 24.16 -19.08 41.28
N LYS A 546 24.42 -18.42 42.41
CA LYS A 546 23.52 -18.45 43.55
C LYS A 546 23.45 -17.14 44.33
N ARG A 547 24.50 -16.32 44.26
CA ARG A 547 24.56 -15.05 44.98
C ARG A 547 24.68 -13.86 44.05
N ASP A 548 25.19 -14.03 42.84
CA ASP A 548 25.29 -12.94 41.87
C ASP A 548 23.95 -12.82 41.17
N PHE A 549 23.44 -11.59 41.07
CA PHE A 549 22.12 -11.36 40.49
C PHE A 549 22.14 -10.13 39.60
N LEU A 550 21.25 -10.11 38.62
CA LEU A 550 20.98 -8.94 37.79
C LEU A 550 19.54 -8.49 38.01
N PHE A 551 19.36 -7.19 38.23
CA PHE A 551 18.04 -6.63 38.51
C PHE A 551 17.74 -5.49 37.55
N TRP A 552 16.49 -5.43 37.08
CA TRP A 552 15.95 -4.31 36.35
C TRP A 552 14.70 -3.83 37.07
N PHE A 553 14.58 -2.50 37.23
CA PHE A 553 13.51 -1.90 38.03
C PHE A 553 12.76 -0.85 37.24
N ARG A 554 11.44 -0.86 37.38
CA ARG A 554 10.53 0.12 36.79
C ARG A 554 9.68 0.76 37.87
N SER A 555 9.41 2.05 37.71
CA SER A 555 8.53 2.77 38.62
C SER A 555 7.07 2.59 38.22
N HIS A 556 6.18 3.29 38.92
CA HIS A 556 4.75 3.11 38.71
C HIS A 556 4.31 3.75 37.39
N THR A 557 3.18 3.25 36.88
CA THR A 557 2.72 3.65 35.55
C THR A 557 2.47 5.16 35.47
N ALA A 558 1.84 5.73 36.49
CA ALA A 558 1.41 7.12 36.43
C ALA A 558 2.56 8.08 36.12
N LYS A 559 3.80 7.63 36.20
CA LYS A 559 4.93 8.49 35.89
C LYS A 559 4.91 8.93 34.43
N GLU A 560 4.39 8.09 33.55
CA GLU A 560 4.48 8.31 32.11
C GLU A 560 3.16 8.78 31.49
N ILE A 561 2.19 9.18 32.30
CA ILE A 561 0.87 9.56 31.81
C ILE A 561 0.63 11.02 32.17
N LYS A 562 0.33 11.83 31.16
CA LYS A 562 0.09 13.26 31.35
C LYS A 562 -1.10 13.70 30.52
N TRP A 563 -2.07 14.32 31.18
CA TRP A 563 -3.25 14.87 30.50
C TRP A 563 -3.63 16.17 31.19
N GLY A 564 -3.99 17.18 30.39
CA GLY A 564 -4.29 18.49 30.93
C GLY A 564 -5.43 18.52 31.93
N GLY A 565 -6.53 17.82 31.63
CA GLY A 565 -7.67 17.79 32.52
C GLY A 565 -7.34 17.26 33.90
N GLN A 577 -20.46 9.28 40.83
CA GLN A 577 -19.86 10.15 39.82
C GLN A 577 -20.71 10.21 38.56
N ARG A 578 -20.41 11.20 37.72
CA ARG A 578 -21.10 11.38 36.45
C ARG A 578 -20.20 10.85 35.33
N MET A 579 -20.74 9.93 34.53
CA MET A 579 -19.95 9.33 33.46
C MET A 579 -19.41 10.41 32.53
N HIS A 580 -18.10 10.61 32.57
CA HIS A 580 -17.45 11.70 31.86
C HIS A 580 -15.99 11.32 31.68
N PRO A 581 -15.30 11.86 30.68
CA PRO A 581 -13.88 11.52 30.49
C PRO A 581 -13.02 11.74 31.73
N ARG A 582 -13.27 12.79 32.51
CA ARG A 582 -12.52 12.98 33.74
C ARG A 582 -12.74 11.85 34.72
N SER A 583 -13.98 11.37 34.85
CA SER A 583 -14.25 10.23 35.71
C SER A 583 -13.52 8.98 35.21
N SER A 584 -13.47 8.76 33.90
CA SER A 584 -12.75 7.61 33.37
C SER A 584 -11.26 7.72 33.63
N PHE A 585 -10.69 8.92 33.47
CA PHE A 585 -9.26 9.08 33.75
C PHE A 585 -8.95 8.83 35.22
N GLN A 586 -9.82 9.31 36.11
CA GLN A 586 -9.59 9.07 37.54
C GLN A 586 -9.78 7.60 37.89
N ALA A 587 -10.72 6.92 37.24
CA ALA A 587 -10.94 5.51 37.53
C ALA A 587 -9.80 4.66 36.98
N PHE A 588 -9.12 5.14 35.94
CA PHE A 588 -7.95 4.42 35.43
C PHE A 588 -6.83 4.42 36.45
N LEU A 589 -6.59 5.55 37.10
CA LEU A 589 -5.54 5.65 38.10
C LEU A 589 -6.00 5.10 39.43
N GLU A 590 -6.62 3.91 39.42
CA GLU A 590 -6.95 3.19 40.64
C GLU A 590 -6.64 1.72 40.46
N VAL A 591 -6.44 1.29 39.22
CA VAL A 591 -5.96 -0.06 38.93
C VAL A 591 -4.47 -0.10 38.64
N VAL A 592 -3.86 1.05 38.34
CA VAL A 592 -2.42 1.17 38.15
C VAL A 592 -1.79 2.02 39.25
N LYS A 593 -2.37 1.96 40.46
CA LYS A 593 -1.93 2.82 41.55
C LYS A 593 -0.48 2.55 41.93
N SER A 594 -0.10 1.27 42.01
CA SER A 594 1.26 0.88 42.34
C SER A 594 1.76 -0.21 41.40
N ARG A 595 1.36 -0.14 40.13
CA ARG A 595 1.72 -1.12 39.11
C ARG A 595 2.61 -0.44 38.07
N SER A 596 3.58 -1.19 37.56
CA SER A 596 4.41 -0.73 36.46
C SER A 596 3.92 -1.31 35.15
N GLN A 597 4.49 -0.83 34.05
CA GLN A 597 4.14 -1.36 32.74
C GLN A 597 4.63 -2.80 32.63
N PRO A 598 3.86 -3.67 31.98
CA PRO A 598 4.23 -5.09 31.97
C PRO A 598 5.52 -5.37 31.21
N TRP A 599 6.18 -6.44 31.59
CA TRP A 599 7.41 -6.87 30.93
C TRP A 599 7.07 -7.67 29.68
N GLU A 600 7.61 -7.24 28.54
CA GLU A 600 7.26 -7.85 27.26
C GLU A 600 7.99 -9.18 27.07
N THR A 601 7.46 -9.99 26.15
CA THR A 601 8.08 -11.27 25.85
C THR A 601 9.46 -11.09 25.21
N ALA A 602 9.59 -10.11 24.31
CA ALA A 602 10.88 -9.88 23.66
C ALA A 602 11.95 -9.47 24.67
N GLU A 603 11.57 -8.60 25.61
CA GLU A 603 12.53 -8.15 26.62
C GLU A 603 12.93 -9.29 27.55
N MET A 604 11.96 -10.16 27.90
CA MET A 604 12.30 -11.35 28.66
C MET A 604 13.25 -12.26 27.89
N ASP A 605 13.04 -12.42 26.59
CA ASP A 605 13.94 -13.25 25.80
C ASP A 605 15.34 -12.66 25.75
N ALA A 606 15.44 -11.33 25.61
CA ALA A 606 16.76 -10.69 25.62
C ALA A 606 17.46 -10.91 26.95
N ILE A 607 16.73 -10.75 28.06
CA ILE A 607 17.32 -10.96 29.37
C ILE A 607 17.76 -12.42 29.53
N HIS A 608 16.95 -13.36 29.04
CA HIS A 608 17.33 -14.76 29.12
C HIS A 608 18.60 -15.05 28.32
N SER A 609 18.73 -14.47 27.13
CA SER A 609 19.93 -14.66 26.33
C SER A 609 21.16 -14.14 27.06
N LEU A 610 21.08 -12.93 27.60
CA LEU A 610 22.23 -12.39 28.32
C LEU A 610 22.55 -13.24 29.54
N GLN A 611 21.51 -13.71 30.24
CA GLN A 611 21.72 -14.59 31.39
C GLN A 611 22.45 -15.86 30.98
N LEU A 612 22.07 -16.45 29.86
CA LEU A 612 22.72 -17.68 29.43
C LEU A 612 24.18 -17.45 29.11
N ILE A 613 24.49 -16.35 28.42
CA ILE A 613 25.89 -16.08 28.10
C ILE A 613 26.70 -15.87 29.38
N LEU A 614 26.15 -15.10 30.32
CA LEU A 614 26.88 -14.83 31.55
C LEU A 614 27.06 -16.11 32.37
N ARG A 615 26.04 -16.98 32.38
CA ARG A 615 26.15 -18.22 33.11
C ARG A 615 27.23 -19.12 32.50
N ASP A 616 27.33 -19.14 31.17
CA ASP A 616 28.42 -19.89 30.55
C ASP A 616 29.77 -19.31 30.94
N SER A 617 29.89 -17.98 30.91
CA SER A 617 31.17 -17.35 31.26
C SER A 617 31.55 -17.69 32.70
N PHE A 618 30.58 -17.70 33.62
CA PHE A 618 30.89 -18.02 35.01
C PHE A 618 31.13 -19.51 35.19
N LYS A 619 30.54 -20.35 34.34
CA LYS A 619 30.90 -21.77 34.32
C LYS A 619 32.38 -21.93 33.97
N GLU A 620 32.86 -21.18 32.98
CA GLU A 620 34.28 -21.27 32.63
C GLU A 620 35.16 -20.84 33.81
N SER A 621 34.78 -19.76 34.49
CA SER A 621 35.58 -19.27 35.61
C SER A 621 35.65 -20.29 36.73
N MET B 54 23.37 10.47 -15.04
CA MET B 54 23.01 9.99 -16.36
C MET B 54 22.41 8.60 -16.28
N SER B 55 23.28 7.59 -16.27
CA SER B 55 22.83 6.20 -16.25
C SER B 55 21.96 5.87 -17.46
N LYS B 56 21.39 4.67 -17.47
CA LYS B 56 20.64 4.24 -18.63
C LYS B 56 19.30 4.97 -18.75
N ALA B 57 18.70 5.37 -17.64
CA ALA B 57 17.43 6.08 -17.72
C ALA B 57 17.56 7.33 -18.57
N ILE B 58 18.67 8.05 -18.45
CA ILE B 58 18.88 9.26 -19.24
C ILE B 58 19.56 8.96 -20.57
N GLN B 59 20.37 7.90 -20.64
CA GLN B 59 21.03 7.58 -21.89
C GLN B 59 20.06 6.97 -22.90
N GLN B 60 18.92 6.48 -22.43
CA GLN B 60 18.02 5.75 -23.31
C GLN B 60 17.18 6.68 -24.18
N TYR B 61 17.12 7.97 -23.84
CA TYR B 61 16.31 8.90 -24.63
C TYR B 61 16.85 9.04 -26.05
N THR B 62 18.17 9.17 -26.21
CA THR B 62 18.75 9.26 -27.54
C THR B 62 18.50 8.00 -28.35
N VAL B 63 18.65 6.83 -27.73
CA VAL B 63 18.43 5.57 -28.43
C VAL B 63 16.98 5.46 -28.87
N ASP B 64 16.05 5.85 -28.00
CA ASP B 64 14.63 5.80 -28.35
C ASP B 64 14.33 6.73 -29.51
N ALA B 65 14.89 7.94 -29.49
CA ALA B 65 14.67 8.88 -30.58
C ALA B 65 15.21 8.32 -31.89
N ARG B 66 16.41 7.72 -31.85
CA ARG B 66 16.99 7.17 -33.08
C ARG B 66 16.18 6.00 -33.62
N LEU B 67 15.70 5.12 -32.75
CA LEU B 67 14.85 4.02 -33.21
C LEU B 67 13.56 4.55 -33.82
N HIS B 68 12.98 5.60 -33.22
CA HIS B 68 11.79 6.21 -33.77
C HIS B 68 12.06 6.77 -35.16
N ALA B 69 13.18 7.47 -35.33
CA ALA B 69 13.51 8.02 -36.65
C ALA B 69 13.69 6.92 -37.68
N VAL B 70 14.34 5.82 -37.29
CA VAL B 70 14.55 4.73 -38.24
C VAL B 70 13.21 4.11 -38.64
N PHE B 71 12.31 3.92 -37.67
CA PHE B 71 10.99 3.37 -37.99
C PHE B 71 10.25 4.28 -38.96
N GLU B 72 10.31 5.60 -38.72
CA GLU B 72 9.64 6.54 -39.60
C GLU B 72 10.22 6.51 -41.01
N GLN B 73 11.55 6.48 -41.13
CA GLN B 73 12.17 6.44 -42.44
C GLN B 73 11.82 5.16 -43.17
N SER B 74 11.82 4.02 -42.47
CA SER B 74 11.42 2.77 -43.10
C SER B 74 9.99 2.84 -43.58
N GLY B 75 9.10 3.45 -42.79
CA GLY B 75 7.72 3.60 -43.23
C GLY B 75 7.61 4.46 -44.48
N GLU B 76 8.36 5.57 -44.52
CA GLU B 76 8.30 6.44 -45.68
C GLU B 76 8.82 5.75 -46.94
N SER B 77 9.95 5.06 -46.84
CA SER B 77 10.54 4.44 -48.02
C SER B 77 9.73 3.26 -48.53
N GLY B 78 8.76 2.79 -47.75
CA GLY B 78 7.93 1.68 -48.18
C GLY B 78 8.51 0.30 -47.89
N LYS B 79 9.51 0.21 -47.01
CA LYS B 79 10.12 -1.05 -46.64
C LYS B 79 9.66 -1.46 -45.25
N SER B 80 9.85 -2.74 -44.94
CA SER B 80 9.57 -3.24 -43.61
C SER B 80 10.63 -2.76 -42.63
N PHE B 81 10.31 -2.84 -41.35
CA PHE B 81 11.21 -2.42 -40.29
C PHE B 81 12.10 -3.59 -39.91
N ASP B 82 13.40 -3.34 -39.79
CA ASP B 82 14.36 -4.36 -39.39
C ASP B 82 14.68 -4.18 -37.91
N TYR B 83 14.29 -5.16 -37.11
CA TYR B 83 14.40 -5.02 -35.66
C TYR B 83 15.83 -5.30 -35.19
N SER B 84 16.33 -6.50 -35.46
CA SER B 84 17.64 -6.91 -34.93
C SER B 84 18.76 -6.02 -35.45
N GLN B 85 18.74 -5.71 -36.75
CA GLN B 85 19.78 -4.87 -37.32
C GLN B 85 19.74 -3.48 -36.70
N SER B 86 18.53 -2.93 -36.52
CA SER B 86 18.41 -1.59 -35.93
C SER B 86 18.92 -1.58 -34.50
N LEU B 87 18.60 -2.62 -33.72
CA LEU B 87 19.11 -2.68 -32.35
C LEU B 87 20.63 -2.78 -32.33
N LYS B 88 21.21 -3.62 -33.17
CA LYS B 88 22.66 -3.75 -33.20
C LYS B 88 23.35 -2.46 -33.62
N THR B 89 22.84 -1.79 -34.67
CA THR B 89 23.45 -0.55 -35.11
C THR B 89 23.31 0.54 -34.06
N THR B 90 22.13 0.66 -33.45
CA THR B 90 21.84 1.73 -32.51
C THR B 90 22.23 1.27 -31.10
N THR B 91 23.25 1.90 -30.53
CA THR B 91 23.79 1.51 -29.24
C THR B 91 23.96 2.74 -28.36
N TYR B 92 23.94 2.49 -27.05
CA TYR B 92 24.00 3.59 -26.09
C TYR B 92 25.30 4.36 -26.23
N GLY B 93 25.23 5.67 -26.03
CA GLY B 93 26.40 6.52 -26.16
C GLY B 93 26.28 7.48 -27.33
N SER B 94 27.41 7.81 -27.96
CA SER B 94 27.43 8.72 -29.09
C SER B 94 26.74 10.03 -28.74
N SER B 95 25.99 10.61 -29.67
CA SER B 95 25.30 11.86 -29.46
C SER B 95 24.13 11.94 -30.42
N VAL B 96 23.43 13.07 -30.42
CA VAL B 96 22.28 13.28 -31.31
C VAL B 96 21.91 14.76 -31.26
N PRO B 97 21.51 15.37 -32.37
CA PRO B 97 21.08 16.77 -32.32
C PRO B 97 19.87 16.94 -31.41
N GLU B 98 19.81 18.09 -30.74
CA GLU B 98 18.67 18.39 -29.87
C GLU B 98 17.36 18.43 -30.65
N GLN B 99 17.40 18.80 -31.92
CA GLN B 99 16.18 18.87 -32.72
C GLN B 99 15.52 17.50 -32.83
N GLN B 100 16.30 16.42 -32.94
CA GLN B 100 15.70 15.10 -32.99
C GLN B 100 14.96 14.78 -31.70
N ILE B 101 15.53 15.11 -30.55
CA ILE B 101 14.86 14.85 -29.28
C ILE B 101 13.57 15.67 -29.19
N THR B 102 13.65 16.95 -29.56
CA THR B 102 12.47 17.81 -29.50
C THR B 102 11.36 17.27 -30.41
N ALA B 103 11.72 16.89 -31.63
CA ALA B 103 10.73 16.37 -32.56
C ALA B 103 10.13 15.07 -32.05
N TYR B 104 10.96 14.18 -31.50
CA TYR B 104 10.47 12.92 -30.97
C TYR B 104 9.47 13.17 -29.84
N LEU B 105 9.81 14.06 -28.92
CA LEU B 105 8.93 14.32 -27.78
C LEU B 105 7.62 14.95 -28.23
N SER B 106 7.69 15.92 -29.16
CA SER B 106 6.46 16.52 -29.67
C SER B 106 5.59 15.50 -30.37
N ARG B 107 6.19 14.62 -31.19
CA ARG B 107 5.41 13.61 -31.88
C ARG B 107 4.72 12.68 -30.89
N ILE B 108 5.41 12.33 -29.81
CA ILE B 108 4.83 11.41 -28.84
C ILE B 108 3.69 12.07 -28.07
N GLN B 109 3.87 13.34 -27.67
CA GLN B 109 2.92 13.96 -26.75
C GLN B 109 1.89 14.82 -27.45
N ARG B 110 2.13 15.20 -28.70
CA ARG B 110 1.23 16.06 -29.46
C ARG B 110 0.90 15.38 -30.78
N GLY B 111 0.50 14.11 -30.70
CA GLY B 111 0.31 13.32 -31.91
C GLY B 111 -0.71 13.92 -32.86
N GLY B 112 -1.87 14.29 -32.34
CA GLY B 112 -2.95 14.80 -33.15
C GLY B 112 -4.00 13.78 -33.54
N TYR B 113 -3.97 12.58 -32.94
CA TYR B 113 -4.93 11.53 -33.27
C TYR B 113 -5.47 10.92 -31.97
N ILE B 114 -6.69 10.39 -32.05
CA ILE B 114 -7.34 9.72 -30.93
C ILE B 114 -7.95 8.42 -31.42
N GLN B 115 -8.34 7.58 -30.47
CA GLN B 115 -8.96 6.32 -30.81
C GLN B 115 -10.45 6.53 -31.14
N PRO B 116 -11.01 5.77 -32.07
CA PRO B 116 -12.40 6.02 -32.50
C PRO B 116 -13.44 5.28 -31.66
N PHE B 117 -13.40 5.47 -30.34
CA PHE B 117 -14.45 4.93 -29.49
C PHE B 117 -15.03 6.01 -28.60
N GLY B 118 -14.55 7.24 -28.75
CA GLY B 118 -15.11 8.39 -28.05
C GLY B 118 -14.80 9.68 -28.80
N CYS B 119 -15.30 10.77 -28.26
CA CYS B 119 -15.12 12.10 -28.85
C CYS B 119 -14.25 12.95 -27.95
N MET B 120 -13.69 14.00 -28.52
CA MET B 120 -12.88 14.97 -27.79
C MET B 120 -13.25 16.37 -28.25
N ILE B 121 -13.48 17.27 -27.29
CA ILE B 121 -13.78 18.67 -27.59
C ILE B 121 -12.98 19.55 -26.63
N ALA B 122 -12.27 20.53 -27.18
CA ALA B 122 -11.47 21.46 -26.40
C ALA B 122 -12.11 22.85 -26.47
N VAL B 123 -12.35 23.45 -25.29
CA VAL B 123 -13.12 24.69 -25.18
C VAL B 123 -12.33 25.70 -24.36
N ASP B 124 -12.65 26.98 -24.60
CA ASP B 124 -12.01 28.07 -23.88
C ASP B 124 -12.66 28.24 -22.50
N GLU B 125 -11.83 28.53 -21.50
CA GLU B 125 -12.29 28.49 -20.12
C GLU B 125 -13.34 29.56 -19.82
N SER B 126 -13.16 30.77 -20.34
CA SER B 126 -13.99 31.90 -19.96
C SER B 126 -15.23 32.07 -20.82
N SER B 127 -15.20 31.67 -22.09
CA SER B 127 -16.30 31.91 -23.01
C SER B 127 -17.14 30.67 -23.30
N PHE B 128 -16.61 29.47 -23.04
CA PHE B 128 -17.30 28.23 -23.38
C PHE B 128 -17.44 28.05 -24.89
N ARG B 129 -16.55 28.68 -25.66
CA ARG B 129 -16.57 28.56 -27.11
C ARG B 129 -15.56 27.53 -27.59
N ILE B 130 -15.96 26.75 -28.58
CA ILE B 130 -15.18 25.59 -29.00
C ILE B 130 -13.93 26.04 -29.75
N ILE B 131 -12.78 25.51 -29.32
CA ILE B 131 -11.50 25.77 -30.00
C ILE B 131 -10.90 24.53 -30.64
N GLY B 132 -11.46 23.36 -30.40
CA GLY B 132 -11.00 22.17 -31.13
C GLY B 132 -11.93 20.99 -30.97
N TYR B 133 -11.90 20.05 -31.91
CA TYR B 133 -12.77 18.88 -31.79
C TYR B 133 -12.25 17.76 -32.67
N SER B 134 -12.68 16.54 -32.35
CA SER B 134 -12.36 15.39 -33.17
C SER B 134 -13.31 15.29 -34.36
N GLU B 135 -12.80 14.70 -35.45
CA GLU B 135 -13.57 14.66 -36.68
C GLU B 135 -14.79 13.74 -36.59
N ASN B 136 -14.83 12.86 -35.59
CA ASN B 136 -15.96 11.96 -35.41
C ASN B 136 -16.99 12.52 -34.43
N ALA B 137 -16.85 13.76 -33.99
CA ALA B 137 -17.75 14.30 -32.97
C ALA B 137 -19.19 14.41 -33.48
N ARG B 138 -19.37 14.92 -34.70
CA ARG B 138 -20.71 15.13 -35.23
C ARG B 138 -21.48 13.83 -35.34
N GLU B 139 -20.84 12.77 -35.82
CA GLU B 139 -21.53 11.51 -36.01
C GLU B 139 -21.99 10.93 -34.67
N MET B 140 -21.16 11.05 -33.63
CA MET B 140 -21.50 10.45 -32.35
C MET B 140 -22.53 11.29 -31.60
N LEU B 141 -22.47 12.62 -31.72
CA LEU B 141 -23.45 13.47 -31.06
C LEU B 141 -24.76 13.56 -31.83
N GLY B 142 -24.82 12.96 -33.01
CA GLY B 142 -26.03 12.99 -33.81
C GLY B 142 -26.30 14.32 -34.47
N ILE B 143 -25.33 15.23 -34.45
CA ILE B 143 -25.50 16.56 -35.00
C ILE B 143 -25.65 16.46 -36.52
N LEU B 157 -21.24 21.74 -34.90
CA LEU B 157 -19.93 22.15 -34.41
C LEU B 157 -19.21 23.06 -35.39
N ALA B 158 -18.37 23.94 -34.83
CA ALA B 158 -17.57 24.87 -35.60
C ALA B 158 -16.69 25.65 -34.63
N MET B 159 -15.68 26.30 -35.16
CA MET B 159 -14.82 27.14 -34.33
C MET B 159 -15.60 28.35 -33.85
N GLY B 160 -15.80 28.44 -32.53
CA GLY B 160 -16.54 29.53 -31.94
C GLY B 160 -17.94 29.17 -31.47
N THR B 161 -18.43 27.98 -31.81
CA THR B 161 -19.72 27.54 -31.31
C THR B 161 -19.67 27.39 -29.79
N ASP B 162 -20.79 27.67 -29.14
CA ASP B 162 -20.88 27.52 -27.69
C ASP B 162 -21.22 26.08 -27.35
N VAL B 163 -20.42 25.47 -26.48
CA VAL B 163 -20.57 24.05 -26.18
C VAL B 163 -21.86 23.77 -25.42
N ARG B 164 -22.33 24.71 -24.61
CA ARG B 164 -23.52 24.46 -23.80
C ARG B 164 -24.75 24.18 -24.66
N SER B 165 -24.73 24.55 -25.93
CA SER B 165 -25.85 24.30 -26.82
C SER B 165 -25.87 22.88 -27.38
N LEU B 166 -24.84 22.08 -27.14
CA LEU B 166 -24.79 20.72 -27.65
C LEU B 166 -25.49 19.72 -26.74
N PHE B 167 -25.82 20.09 -25.51
CA PHE B 167 -26.41 19.21 -24.53
C PHE B 167 -27.67 19.84 -23.97
N THR B 168 -28.43 19.05 -23.22
CA THR B 168 -29.66 19.55 -22.61
C THR B 168 -29.33 20.65 -21.60
N SER B 169 -30.38 21.36 -21.17
CA SER B 169 -30.18 22.51 -20.29
C SER B 169 -29.64 22.10 -18.92
N SER B 170 -30.19 21.06 -18.31
CA SER B 170 -29.69 20.59 -17.03
C SER B 170 -28.24 20.11 -17.12
N SER B 171 -27.90 19.40 -18.20
CA SER B 171 -26.52 18.98 -18.41
C SER B 171 -25.60 20.17 -18.60
N SER B 172 -26.06 21.22 -19.28
CA SER B 172 -25.22 22.41 -19.42
C SER B 172 -25.01 23.11 -18.08
N ILE B 173 -26.03 23.12 -17.22
CA ILE B 173 -25.86 23.69 -15.89
C ILE B 173 -24.82 22.90 -15.10
N LEU B 174 -24.90 21.57 -15.14
CA LEU B 174 -23.92 20.75 -14.45
C LEU B 174 -22.52 20.97 -15.01
N LEU B 175 -22.40 21.09 -16.33
CA LEU B 175 -21.09 21.37 -16.92
C LEU B 175 -20.53 22.71 -16.45
N GLU B 176 -21.38 23.73 -16.37
CA GLU B 176 -20.92 25.02 -15.86
C GLU B 176 -20.42 24.89 -14.42
N ARG B 177 -21.17 24.17 -13.58
CA ARG B 177 -20.72 23.96 -12.21
C ARG B 177 -19.36 23.27 -12.18
N ALA B 178 -19.18 22.24 -13.00
CA ALA B 178 -17.90 21.54 -13.04
C ALA B 178 -16.78 22.48 -13.50
N PHE B 179 -17.09 23.37 -14.45
CA PHE B 179 -16.11 24.31 -14.98
C PHE B 179 -15.68 25.36 -13.97
N VAL B 180 -16.57 25.79 -13.06
CA VAL B 180 -16.27 26.92 -12.19
C VAL B 180 -15.62 26.51 -10.88
N ALA B 181 -15.33 25.23 -10.67
CA ALA B 181 -14.74 24.79 -9.42
C ALA B 181 -13.25 25.15 -9.35
N ARG B 182 -12.72 25.17 -8.13
CA ARG B 182 -11.35 25.58 -7.87
C ARG B 182 -10.61 24.49 -7.10
N GLU B 183 -9.59 23.92 -7.74
CA GLU B 183 -8.62 23.03 -7.09
C GLU B 183 -9.17 21.64 -6.79
N ILE B 184 -10.49 21.47 -6.89
CA ILE B 184 -11.11 20.16 -6.80
C ILE B 184 -12.58 20.32 -7.16
N THR B 185 -13.16 19.29 -7.76
CA THR B 185 -14.55 19.33 -8.14
C THR B 185 -15.15 17.93 -7.96
N LEU B 186 -16.36 17.90 -7.43
CA LEU B 186 -17.06 16.65 -7.18
C LEU B 186 -17.99 16.26 -8.32
N LEU B 187 -17.96 16.98 -9.44
CA LEU B 187 -18.59 16.56 -10.68
C LEU B 187 -17.49 16.40 -11.73
N ASN B 188 -16.78 15.28 -11.65
CA ASN B 188 -15.77 14.90 -12.62
C ASN B 188 -15.49 13.41 -12.46
N PRO B 189 -16.03 12.53 -13.31
CA PRO B 189 -16.79 12.78 -14.54
C PRO B 189 -18.24 13.19 -14.32
N VAL B 190 -18.88 13.74 -15.34
CA VAL B 190 -20.29 14.07 -15.27
C VAL B 190 -21.05 13.14 -16.21
N TRP B 191 -22.29 12.87 -15.89
CA TRP B 191 -23.17 12.04 -16.71
C TRP B 191 -24.13 12.98 -17.46
N ILE B 192 -23.96 13.08 -18.78
CA ILE B 192 -24.71 14.06 -19.56
C ILE B 192 -25.44 13.37 -20.70
N HIS B 193 -26.37 14.12 -21.30
CA HIS B 193 -27.18 13.67 -22.42
C HIS B 193 -27.01 14.62 -23.60
N SER B 194 -27.15 14.10 -24.81
CA SER B 194 -27.05 14.93 -26.00
C SER B 194 -28.41 15.55 -26.32
N LYS B 195 -28.37 16.82 -26.73
CA LYS B 195 -29.60 17.58 -26.93
C LYS B 195 -30.46 16.98 -28.04
N ASN B 196 -29.85 16.67 -29.19
CA ASN B 196 -30.63 16.20 -30.33
C ASN B 196 -31.15 14.79 -30.13
N THR B 197 -30.36 13.90 -29.56
CA THR B 197 -30.71 12.48 -29.47
C THR B 197 -30.99 11.98 -28.07
N GLY B 198 -30.41 12.59 -27.04
CA GLY B 198 -30.56 12.07 -25.69
C GLY B 198 -29.69 10.86 -25.41
N LYS B 199 -28.53 10.76 -26.03
CA LYS B 199 -27.60 9.66 -25.79
C LYS B 199 -26.75 9.95 -24.57
N PRO B 200 -26.65 9.02 -23.61
CA PRO B 200 -25.83 9.28 -22.42
C PRO B 200 -24.34 9.22 -22.72
N PHE B 201 -23.58 10.05 -22.02
CA PHE B 201 -22.12 10.09 -22.13
C PHE B 201 -21.51 10.32 -20.76
N TYR B 202 -20.33 9.73 -20.54
CA TYR B 202 -19.44 10.09 -19.44
C TYR B 202 -18.54 11.20 -19.96
N ALA B 203 -18.54 12.34 -19.28
CA ALA B 203 -17.69 13.47 -19.64
C ALA B 203 -16.56 13.55 -18.63
N ILE B 204 -15.32 13.52 -19.13
CA ILE B 204 -14.13 13.57 -18.29
C ILE B 204 -13.34 14.80 -18.68
N LEU B 205 -13.07 15.68 -17.72
CA LEU B 205 -12.49 16.99 -17.99
C LEU B 205 -11.07 17.07 -17.45
N HIS B 206 -10.19 17.72 -18.21
CA HIS B 206 -8.89 18.10 -17.66
C HIS B 206 -8.44 19.39 -18.32
N ARG B 207 -7.42 20.02 -17.73
CA ARG B 207 -7.00 21.35 -18.13
C ARG B 207 -5.66 21.30 -18.85
N ILE B 208 -5.56 22.04 -19.95
CA ILE B 208 -4.32 22.17 -20.71
C ILE B 208 -4.01 23.66 -20.83
N ASP B 209 -2.79 23.95 -21.25
CA ASP B 209 -2.29 25.32 -21.21
C ASP B 209 -3.12 26.30 -22.04
N VAL B 210 -4.18 25.89 -22.74
CA VAL B 210 -5.00 26.81 -23.52
C VAL B 210 -6.48 26.67 -23.23
N GLY B 211 -6.89 25.80 -22.32
CA GLY B 211 -8.32 25.65 -22.05
C GLY B 211 -8.61 24.34 -21.36
N VAL B 212 -9.82 23.83 -21.61
CA VAL B 212 -10.30 22.61 -20.97
C VAL B 212 -10.64 21.60 -22.06
N VAL B 213 -10.14 20.38 -21.91
CA VAL B 213 -10.43 19.28 -22.82
C VAL B 213 -11.45 18.36 -22.16
N ILE B 214 -12.52 18.07 -22.89
CA ILE B 214 -13.59 17.17 -22.47
C ILE B 214 -13.50 15.93 -23.34
N ASP B 215 -13.37 14.78 -22.70
CA ASP B 215 -13.43 13.49 -23.36
C ASP B 215 -14.82 12.90 -23.13
N LEU B 216 -15.49 12.55 -24.22
CA LEU B 216 -16.86 12.05 -24.18
C LEU B 216 -16.81 10.56 -24.49
N GLU B 217 -17.15 9.74 -23.50
CA GLU B 217 -17.16 8.29 -23.66
C GLU B 217 -18.58 7.79 -23.67
N PRO B 218 -19.05 7.13 -24.73
CA PRO B 218 -20.42 6.61 -24.72
C PRO B 218 -20.67 5.67 -23.56
N ALA B 219 -21.87 5.76 -22.99
CA ALA B 219 -22.31 4.87 -21.93
C ALA B 219 -23.48 4.04 -22.39
N ARG B 220 -23.69 2.91 -21.72
CA ARG B 220 -24.78 2.01 -22.08
C ARG B 220 -26.12 2.61 -21.70
N THR B 221 -27.09 2.51 -22.61
CA THR B 221 -28.43 3.00 -22.36
C THR B 221 -29.19 1.98 -21.52
N GLU B 222 -29.65 2.39 -20.34
CA GLU B 222 -30.29 1.48 -19.40
C GLU B 222 -30.83 2.31 -18.24
N ASP B 223 -31.58 1.66 -17.38
CA ASP B 223 -32.11 2.28 -16.17
C ASP B 223 -30.95 2.76 -15.29
N PRO B 224 -31.01 3.95 -14.69
CA PRO B 224 -29.90 4.39 -13.85
C PRO B 224 -29.57 3.44 -12.71
N ALA B 225 -30.59 2.76 -12.18
CA ALA B 225 -30.35 1.79 -11.11
C ALA B 225 -29.31 0.76 -11.52
N LEU B 226 -29.34 0.35 -12.79
CA LEU B 226 -28.38 -0.64 -13.27
C LEU B 226 -26.98 -0.08 -13.40
N SER B 227 -26.84 1.19 -13.78
CA SER B 227 -25.51 1.80 -13.79
C SER B 227 -24.92 1.85 -12.38
N ILE B 228 -25.74 2.25 -11.41
CA ILE B 228 -25.29 2.27 -10.02
C ILE B 228 -24.92 0.87 -9.57
N ALA B 229 -25.72 -0.13 -9.96
CA ALA B 229 -25.45 -1.50 -9.57
C ALA B 229 -24.12 -1.99 -10.14
N GLY B 230 -23.82 -1.63 -11.40
CA GLY B 230 -22.56 -2.04 -11.99
C GLY B 230 -21.37 -1.44 -11.26
N ALA B 231 -21.44 -0.14 -10.96
CA ALA B 231 -20.35 0.49 -10.20
C ALA B 231 -20.17 -0.19 -8.85
N VAL B 232 -21.27 -0.46 -8.15
CA VAL B 232 -21.21 -1.08 -6.82
C VAL B 232 -20.56 -2.44 -6.91
N GLN B 233 -20.97 -3.25 -7.90
CA GLN B 233 -20.43 -4.60 -8.02
C GLN B 233 -18.93 -4.57 -8.26
N SER B 234 -18.47 -3.68 -9.14
CA SER B 234 -17.04 -3.57 -9.40
C SER B 234 -16.27 -3.23 -8.12
N GLN B 235 -16.75 -2.22 -7.38
CA GLN B 235 -16.01 -1.81 -6.19
C GLN B 235 -16.00 -2.91 -5.13
N LYS B 236 -17.10 -3.63 -4.98
CA LYS B 236 -17.13 -4.72 -4.01
C LYS B 236 -16.16 -5.84 -4.39
N LEU B 237 -16.05 -6.16 -5.69
CA LEU B 237 -15.06 -7.16 -6.10
C LEU B 237 -13.64 -6.70 -5.76
N ALA B 238 -13.34 -5.42 -5.99
CA ALA B 238 -12.01 -4.93 -5.63
C ALA B 238 -11.74 -5.07 -4.13
N VAL B 239 -12.75 -4.74 -3.30
CA VAL B 239 -12.58 -4.85 -1.85
C VAL B 239 -12.32 -6.30 -1.44
N ARG B 240 -13.07 -7.23 -2.05
CA ARG B 240 -12.87 -8.64 -1.72
C ARG B 240 -11.47 -9.11 -2.11
N ALA B 241 -10.97 -8.65 -3.26
CA ALA B 241 -9.61 -9.00 -3.67
C ALA B 241 -8.58 -8.48 -2.67
N ILE B 242 -8.74 -7.25 -2.21
CA ILE B 242 -7.79 -6.71 -1.23
C ILE B 242 -7.84 -7.51 0.05
N SER B 243 -9.04 -7.89 0.49
CA SER B 243 -9.14 -8.73 1.68
C SER B 243 -8.39 -10.05 1.50
N GLN B 244 -8.51 -10.66 0.32
CA GLN B 244 -7.77 -11.89 0.06
C GLN B 244 -6.27 -11.66 0.12
N LEU B 245 -5.80 -10.51 -0.36
CA LEU B 245 -4.39 -10.19 -0.22
C LEU B 245 -3.98 -10.11 1.25
N GLN B 246 -4.85 -9.55 2.10
CA GLN B 246 -4.50 -9.36 3.50
C GLN B 246 -4.06 -10.67 4.16
N ALA B 247 -4.71 -11.78 3.81
CA ALA B 247 -4.55 -13.01 4.58
C ALA B 247 -3.36 -13.86 4.13
N LEU B 248 -2.59 -13.44 3.14
CA LEU B 248 -1.45 -14.24 2.73
C LEU B 248 -0.37 -14.26 3.82
N PRO B 249 0.33 -15.37 3.99
CA PRO B 249 1.51 -15.36 4.87
C PRO B 249 2.67 -14.67 4.18
N GLY B 250 3.32 -13.78 4.93
CA GLY B 250 4.31 -12.88 4.36
C GLY B 250 5.62 -13.57 4.01
N GLY B 251 6.56 -12.75 3.52
CA GLY B 251 7.87 -13.23 3.16
C GLY B 251 7.95 -13.99 1.87
N ASP B 252 7.01 -13.79 0.94
CA ASP B 252 7.00 -14.55 -0.31
C ASP B 252 6.39 -13.66 -1.39
N ILE B 253 7.26 -13.01 -2.18
CA ILE B 253 6.80 -12.11 -3.24
C ILE B 253 6.16 -12.89 -4.39
N LYS B 254 6.68 -14.08 -4.68
CA LYS B 254 6.16 -14.87 -5.79
C LYS B 254 4.70 -15.22 -5.56
N LEU B 255 4.35 -15.61 -4.33
CA LEU B 255 2.96 -15.92 -4.01
C LEU B 255 2.08 -14.68 -4.14
N LEU B 256 2.59 -13.53 -3.72
CA LEU B 256 1.86 -12.27 -3.87
C LEU B 256 1.50 -12.02 -5.34
N CYS B 257 2.49 -12.12 -6.22
CA CYS B 257 2.25 -11.88 -7.63
C CYS B 257 1.29 -12.92 -8.22
N ASP B 258 1.45 -14.19 -7.83
CA ASP B 258 0.57 -15.23 -8.33
C ASP B 258 -0.87 -15.00 -7.91
N THR B 259 -1.10 -14.43 -6.73
CA THR B 259 -2.46 -14.13 -6.30
C THR B 259 -3.03 -12.93 -7.03
N VAL B 260 -2.21 -11.88 -7.19
CA VAL B 260 -2.70 -10.64 -7.80
C VAL B 260 -3.08 -10.89 -9.26
N VAL B 261 -2.30 -11.69 -9.98
CA VAL B 261 -2.58 -11.91 -11.39
C VAL B 261 -3.95 -12.58 -11.55
N GLU B 262 -4.24 -13.59 -10.73
CA GLU B 262 -5.53 -14.25 -10.80
C GLU B 262 -6.67 -13.32 -10.42
N SER B 263 -6.48 -12.51 -9.38
CA SER B 263 -7.54 -11.57 -9.00
C SER B 263 -7.84 -10.58 -10.12
N VAL B 264 -6.81 -10.05 -10.77
CA VAL B 264 -7.03 -9.09 -11.85
C VAL B 264 -7.72 -9.77 -13.03
N ARG B 265 -7.31 -10.99 -13.38
CA ARG B 265 -7.98 -11.66 -14.49
C ARG B 265 -9.45 -11.91 -14.18
N ASP B 266 -9.76 -12.28 -12.94
CA ASP B 266 -11.16 -12.48 -12.58
C ASP B 266 -11.94 -11.17 -12.63
N LEU B 267 -11.30 -10.06 -12.23
CA LEU B 267 -12.01 -8.79 -12.20
C LEU B 267 -12.29 -8.26 -13.61
N THR B 268 -11.30 -8.29 -14.49
CA THR B 268 -11.41 -7.65 -15.80
C THR B 268 -11.88 -8.58 -16.90
N GLY B 269 -11.46 -9.84 -16.90
CA GLY B 269 -11.97 -10.80 -17.88
C GLY B 269 -11.21 -10.85 -19.18
N TYR B 270 -9.99 -10.34 -19.24
CA TYR B 270 -9.17 -10.42 -20.43
C TYR B 270 -8.66 -11.84 -20.63
N ASP B 271 -8.06 -12.09 -21.80
CA ASP B 271 -7.56 -13.43 -22.11
C ASP B 271 -6.25 -13.75 -21.41
N ARG B 272 -5.35 -12.77 -21.32
CA ARG B 272 -4.04 -12.99 -20.73
C ARG B 272 -3.72 -11.85 -19.78
N VAL B 273 -3.19 -12.16 -18.60
CA VAL B 273 -2.75 -11.17 -17.63
C VAL B 273 -1.35 -11.55 -17.17
N MET B 274 -0.44 -10.59 -17.18
CA MET B 274 0.96 -10.81 -16.87
C MET B 274 1.46 -9.71 -15.95
N VAL B 275 2.49 -10.05 -15.17
CA VAL B 275 3.18 -9.11 -14.31
C VAL B 275 4.60 -8.94 -14.85
N HIS B 276 4.97 -7.70 -15.15
CA HIS B 276 6.28 -7.36 -15.68
C HIS B 276 7.04 -6.60 -14.61
N LYS B 277 8.28 -7.01 -14.37
CA LYS B 277 9.18 -6.38 -13.41
C LYS B 277 10.35 -5.75 -14.14
N PHE B 278 10.74 -4.54 -13.73
CA PHE B 278 11.89 -3.88 -14.33
C PHE B 278 13.13 -4.04 -13.45
N HIS B 279 14.26 -4.30 -14.09
CA HIS B 279 15.51 -4.56 -13.40
C HIS B 279 16.33 -3.27 -13.30
N GLU B 280 17.42 -3.35 -12.52
CA GLU B 280 18.29 -2.19 -12.36
C GLU B 280 18.88 -1.76 -13.69
N ASP B 281 19.02 -2.69 -14.63
CA ASP B 281 19.53 -2.41 -15.96
C ASP B 281 18.45 -1.86 -16.89
N GLU B 282 17.21 -1.75 -16.39
CA GLU B 282 16.04 -1.22 -17.08
C GLU B 282 15.36 -2.24 -17.98
N HIS B 283 15.89 -3.45 -18.14
CA HIS B 283 15.21 -4.43 -18.95
C HIS B 283 14.13 -5.14 -18.15
N GLY B 284 13.19 -5.76 -18.85
CA GLY B 284 12.01 -6.30 -18.21
C GLY B 284 11.93 -7.81 -18.18
N GLU B 285 11.19 -8.34 -17.21
CA GLU B 285 11.00 -9.78 -17.07
C GLU B 285 9.55 -10.07 -16.76
N VAL B 286 9.04 -11.20 -17.25
CA VAL B 286 7.69 -11.64 -16.98
C VAL B 286 7.74 -12.61 -15.80
N VAL B 287 7.20 -12.20 -14.65
CA VAL B 287 7.36 -12.97 -13.43
C VAL B 287 6.10 -13.74 -13.03
N ALA B 288 4.94 -13.41 -13.60
CA ALA B 288 3.72 -14.16 -13.32
C ALA B 288 2.81 -14.10 -14.54
N GLU B 289 1.91 -15.05 -14.65
CA GLU B 289 1.05 -15.14 -15.83
C GLU B 289 -0.20 -15.95 -15.54
N SER B 290 -1.32 -15.51 -16.10
CA SER B 290 -2.59 -16.23 -16.07
C SER B 290 -3.23 -16.06 -17.43
N LYS B 291 -3.48 -17.17 -18.13
CA LYS B 291 -3.87 -17.13 -19.53
C LYS B 291 -4.93 -18.18 -19.82
N ARG B 292 -5.55 -18.03 -20.99
CA ARG B 292 -6.44 -19.05 -21.53
C ARG B 292 -5.63 -20.27 -21.95
N ASP B 293 -6.24 -21.45 -21.85
CA ASP B 293 -5.50 -22.70 -22.01
C ASP B 293 -4.82 -22.81 -23.36
N ASP B 294 -5.51 -22.43 -24.44
CA ASP B 294 -5.03 -22.68 -25.79
C ASP B 294 -3.93 -21.71 -26.22
N LEU B 295 -3.44 -20.87 -25.32
CA LEU B 295 -2.41 -19.89 -25.66
C LEU B 295 -1.05 -20.36 -25.18
N GLU B 296 0.00 -19.82 -25.79
CA GLU B 296 1.35 -20.17 -25.36
C GLU B 296 1.76 -19.35 -24.14
N PRO B 297 2.60 -19.89 -23.26
CA PRO B 297 3.03 -19.12 -22.09
C PRO B 297 4.23 -18.25 -22.37
N TYR B 298 4.23 -17.07 -21.74
CA TYR B 298 5.35 -16.15 -21.82
C TYR B 298 6.11 -16.00 -20.52
N ILE B 299 5.78 -16.81 -19.50
CA ILE B 299 6.42 -16.66 -18.20
C ILE B 299 7.85 -17.14 -18.27
N GLY B 300 8.78 -16.27 -17.87
CA GLY B 300 10.20 -16.54 -17.96
C GLY B 300 10.92 -15.75 -19.04
N LEU B 301 10.23 -14.81 -19.69
CA LEU B 301 10.80 -14.12 -20.83
C LEU B 301 11.55 -12.87 -20.37
N HIS B 302 12.67 -12.58 -21.03
CA HIS B 302 13.42 -11.34 -20.85
C HIS B 302 13.50 -10.61 -22.18
N TYR B 303 13.44 -9.29 -22.13
CA TYR B 303 13.47 -8.49 -23.35
C TYR B 303 14.27 -7.22 -23.09
N PRO B 304 14.78 -6.59 -24.14
CA PRO B 304 15.62 -5.40 -23.94
C PRO B 304 14.87 -4.26 -23.28
N ALA B 305 15.62 -3.22 -22.92
CA ALA B 305 15.04 -2.07 -22.25
C ALA B 305 14.43 -1.07 -23.23
N THR B 306 14.71 -1.22 -24.53
CA THR B 306 14.18 -0.29 -25.52
C THR B 306 12.81 -0.69 -26.05
N ASP B 307 12.27 -1.82 -25.62
CA ASP B 307 10.93 -2.21 -26.06
C ASP B 307 9.85 -1.41 -25.34
N ILE B 308 10.20 -0.75 -24.24
CA ILE B 308 9.32 0.20 -23.58
C ILE B 308 10.09 1.51 -23.41
N PRO B 309 9.89 2.48 -24.30
CA PRO B 309 10.65 3.73 -24.21
C PRO B 309 10.49 4.40 -22.85
N GLN B 310 11.34 5.40 -22.61
CA GLN B 310 11.31 6.10 -21.33
C GLN B 310 10.13 7.07 -21.24
N ALA B 311 9.69 7.63 -22.37
CA ALA B 311 8.59 8.58 -22.34
C ALA B 311 7.28 7.92 -21.90
N SER B 312 7.01 6.71 -22.39
CA SER B 312 5.82 6.00 -21.94
C SER B 312 5.91 5.64 -20.47
N ARG B 313 7.10 5.31 -19.98
CA ARG B 313 7.28 5.08 -18.56
C ARG B 313 6.99 6.34 -17.74
N PHE B 314 7.45 7.49 -18.23
CA PHE B 314 7.14 8.75 -17.56
C PHE B 314 5.64 9.00 -17.53
N LEU B 315 4.97 8.74 -18.65
CA LEU B 315 3.52 8.94 -18.69
C LEU B 315 2.78 7.99 -17.76
N PHE B 316 3.33 6.80 -17.54
CA PHE B 316 2.67 5.84 -16.65
C PHE B 316 2.64 6.31 -15.20
N LYS B 317 3.41 7.31 -14.83
CA LYS B 317 3.40 7.85 -13.48
C LYS B 317 2.30 8.88 -13.27
N GLN B 318 1.57 9.23 -14.31
CA GLN B 318 0.45 10.17 -14.24
C GLN B 318 -0.88 9.54 -14.57
N ASN B 319 -0.98 8.84 -15.69
CA ASN B 319 -2.16 8.07 -16.06
C ASN B 319 -1.85 6.62 -15.68
N ARG B 320 -2.30 6.22 -14.50
CA ARG B 320 -1.93 4.92 -13.97
C ARG B 320 -2.63 3.77 -14.70
N VAL B 321 -3.57 4.05 -15.58
CA VAL B 321 -4.22 3.03 -16.40
C VAL B 321 -4.22 3.50 -17.85
N ARG B 322 -3.79 2.65 -18.76
CA ARG B 322 -3.78 2.90 -20.20
C ARG B 322 -4.59 1.80 -20.88
N MET B 323 -5.44 2.20 -21.82
CA MET B 323 -6.32 1.25 -22.51
C MET B 323 -6.25 1.48 -24.01
N ILE B 324 -6.15 0.39 -24.77
CA ILE B 324 -6.19 0.41 -26.23
C ILE B 324 -7.26 -0.58 -26.66
N VAL B 325 -8.28 -0.08 -27.36
CA VAL B 325 -9.48 -0.87 -27.60
C VAL B 325 -9.32 -1.74 -28.84
N ASP B 326 -8.70 -1.21 -29.89
CA ASP B 326 -8.49 -1.97 -31.13
C ASP B 326 -7.31 -1.35 -31.85
N CYS B 327 -6.26 -2.15 -32.06
CA CYS B 327 -5.07 -1.66 -32.73
C CYS B 327 -5.23 -1.59 -34.25
N ASN B 328 -6.24 -2.25 -34.80
CA ASN B 328 -6.51 -2.22 -36.23
C ASN B 328 -7.44 -1.07 -36.63
N ALA B 329 -7.98 -0.33 -35.67
CA ALA B 329 -8.91 0.75 -35.96
C ALA B 329 -8.16 1.96 -36.52
N THR B 330 -8.85 2.72 -37.36
CA THR B 330 -8.24 3.86 -38.01
C THR B 330 -8.28 5.07 -37.08
N PRO B 331 -7.14 5.71 -36.80
CA PRO B 331 -7.17 6.88 -35.92
C PRO B 331 -7.97 8.03 -36.51
N VAL B 332 -8.47 8.90 -35.63
CA VAL B 332 -9.31 10.04 -36.00
C VAL B 332 -8.51 11.31 -35.79
N LEU B 333 -8.47 12.16 -36.81
CA LEU B 333 -7.72 13.42 -36.73
C LEU B 333 -8.45 14.43 -35.85
N VAL B 334 -7.68 15.27 -35.18
CA VAL B 334 -8.23 16.32 -34.32
C VAL B 334 -8.03 17.67 -35.00
N VAL B 335 -9.13 18.37 -35.27
CA VAL B 335 -9.10 19.68 -35.90
C VAL B 335 -9.07 20.73 -34.80
N GLN B 336 -8.30 21.80 -35.02
CA GLN B 336 -8.15 22.82 -33.99
C GLN B 336 -8.12 24.21 -34.65
N ASP B 337 -8.41 25.22 -33.83
CA ASP B 337 -8.43 26.60 -34.29
C ASP B 337 -7.08 26.99 -34.85
N ASP B 338 -7.08 27.70 -35.99
CA ASP B 338 -5.84 28.03 -36.67
C ASP B 338 -5.01 29.08 -35.92
N ARG B 339 -5.59 29.71 -34.90
CA ARG B 339 -4.84 30.71 -34.14
C ARG B 339 -3.95 30.11 -33.06
N LEU B 340 -4.10 28.83 -32.76
CA LEU B 340 -3.23 28.19 -31.76
C LEU B 340 -1.85 27.96 -32.34
N THR B 341 -0.82 28.29 -31.56
CA THR B 341 0.55 28.25 -32.05
C THR B 341 1.02 26.81 -32.28
N GLN B 342 0.77 25.93 -31.31
CA GLN B 342 1.22 24.55 -31.38
C GLN B 342 0.03 23.62 -31.53
N SER B 343 0.33 22.34 -31.77
CA SER B 343 -0.72 21.34 -31.81
C SER B 343 -1.17 21.02 -30.39
N MET B 344 -2.41 20.56 -30.27
CA MET B 344 -3.03 20.39 -28.96
C MET B 344 -2.38 19.24 -28.20
N CYS B 345 -2.05 19.49 -26.93
CA CYS B 345 -1.44 18.48 -26.09
C CYS B 345 -2.47 17.43 -25.70
N LEU B 346 -2.10 16.15 -25.80
CA LEU B 346 -2.99 15.04 -25.52
C LEU B 346 -2.45 14.15 -24.40
N VAL B 347 -1.56 14.68 -23.56
CA VAL B 347 -0.89 13.86 -22.56
C VAL B 347 -1.90 13.30 -21.56
N GLY B 348 -2.77 14.16 -21.03
CA GLY B 348 -3.72 13.73 -20.03
C GLY B 348 -4.95 13.03 -20.56
N SER B 349 -5.15 13.03 -21.87
CA SER B 349 -6.35 12.45 -22.46
C SER B 349 -6.28 10.93 -22.44
N THR B 350 -7.44 10.31 -22.21
CA THR B 350 -7.56 8.86 -22.23
C THR B 350 -7.77 8.31 -23.63
N LEU B 351 -8.09 9.15 -24.60
CA LEU B 351 -8.40 8.73 -25.96
C LEU B 351 -7.20 8.80 -26.88
N ARG B 352 -6.01 9.09 -26.36
CA ARG B 352 -4.83 9.21 -27.19
C ARG B 352 -4.57 7.89 -27.91
N ALA B 353 -4.08 7.99 -29.15
CA ALA B 353 -3.83 6.79 -29.93
C ALA B 353 -2.38 6.33 -29.79
N PRO B 354 -2.12 5.04 -29.87
CA PRO B 354 -0.74 4.55 -29.82
C PRO B 354 0.03 4.85 -31.09
N HIS B 355 1.35 4.78 -30.99
CA HIS B 355 2.21 5.01 -32.14
C HIS B 355 2.21 3.79 -33.04
N GLY B 356 2.75 3.96 -34.26
CA GLY B 356 2.77 2.85 -35.21
C GLY B 356 3.64 1.70 -34.78
N CYS B 357 4.76 1.99 -34.13
CA CYS B 357 5.66 0.94 -33.65
C CYS B 357 4.90 -0.06 -32.77
N HIS B 358 4.20 0.44 -31.75
CA HIS B 358 3.53 -0.45 -30.81
C HIS B 358 2.31 -1.11 -31.44
N SER B 359 1.60 -0.39 -32.31
CA SER B 359 0.45 -0.98 -32.97
C SER B 359 0.87 -2.16 -33.85
N GLN B 360 1.97 -2.00 -34.59
CA GLN B 360 2.49 -3.10 -35.39
C GLN B 360 2.98 -4.25 -34.52
N TYR B 361 3.65 -3.94 -33.40
CA TYR B 361 4.09 -4.99 -32.49
C TYR B 361 2.90 -5.79 -31.99
N MET B 362 1.83 -5.11 -31.59
CA MET B 362 0.62 -5.78 -31.13
C MET B 362 0.02 -6.64 -32.23
N ALA B 363 -0.04 -6.11 -33.45
CA ALA B 363 -0.60 -6.88 -34.55
C ALA B 363 0.19 -8.14 -34.82
N ASN B 364 1.53 -8.04 -34.82
CA ASN B 364 2.36 -9.22 -35.02
C ASN B 364 2.16 -10.24 -33.91
N MET B 365 2.10 -9.78 -32.66
CA MET B 365 1.94 -10.69 -31.54
C MET B 365 0.62 -11.43 -31.60
N GLY B 366 -0.45 -10.77 -32.03
CA GLY B 366 -1.77 -11.33 -32.08
C GLY B 366 -2.75 -10.78 -31.06
N SER B 367 -2.41 -9.69 -30.39
CA SER B 367 -3.26 -9.09 -29.37
C SER B 367 -3.89 -7.81 -29.92
N ILE B 368 -5.22 -7.72 -29.84
CA ILE B 368 -5.96 -6.62 -30.44
C ILE B 368 -6.32 -5.56 -29.40
N ALA B 369 -6.63 -5.97 -28.18
CA ALA B 369 -6.97 -5.06 -27.09
C ALA B 369 -5.93 -5.18 -25.98
N SER B 370 -5.69 -4.07 -25.29
CA SER B 370 -4.65 -4.02 -24.27
C SER B 370 -5.06 -3.10 -23.12
N LEU B 371 -4.60 -3.44 -21.91
CA LEU B 371 -4.86 -2.64 -20.71
C LEU B 371 -3.67 -2.78 -19.78
N ALA B 372 -3.01 -1.67 -19.47
CA ALA B 372 -1.80 -1.67 -18.65
C ALA B 372 -1.97 -0.77 -17.44
N MET B 373 -1.51 -1.26 -16.28
CA MET B 373 -1.63 -0.56 -15.01
C MET B 373 -0.28 -0.51 -14.32
N ALA B 374 0.10 0.68 -13.85
CA ALA B 374 1.40 0.90 -13.23
C ALA B 374 1.46 0.34 -11.82
N VAL B 375 2.60 -0.24 -11.47
CA VAL B 375 2.90 -0.69 -10.11
C VAL B 375 3.95 0.26 -9.56
N ILE B 376 3.58 1.05 -8.55
CA ILE B 376 4.40 2.13 -8.03
C ILE B 376 4.66 1.90 -6.56
N ILE B 377 5.93 1.99 -6.16
CA ILE B 377 6.33 1.81 -4.78
C ILE B 377 7.02 3.09 -4.31
N ASN B 378 7.33 3.13 -3.03
CA ASN B 378 7.91 4.30 -2.40
C ASN B 378 9.43 4.16 -2.43
N GLY B 379 10.11 5.08 -3.12
CA GLY B 379 11.55 5.03 -3.23
C GLY B 379 12.15 6.38 -3.58
N SER B 392 8.91 9.24 -0.04
CA SER B 392 9.03 10.61 -0.51
C SER B 392 8.86 10.67 -2.02
N SER B 393 9.87 10.19 -2.74
CA SER B 393 9.76 10.06 -4.18
C SER B 393 9.28 8.66 -4.55
N MET B 394 8.49 8.58 -5.62
CA MET B 394 7.90 7.32 -6.04
C MET B 394 8.69 6.70 -7.17
N ARG B 395 8.60 5.38 -7.27
CA ARG B 395 9.38 4.60 -8.22
C ARG B 395 8.46 3.63 -8.93
N LEU B 396 8.75 3.34 -10.21
CA LEU B 396 7.95 2.41 -11.00
C LEU B 396 8.62 1.05 -10.99
N TRP B 397 8.00 0.09 -10.31
CA TRP B 397 8.58 -1.24 -10.14
C TRP B 397 8.31 -2.13 -11.36
N GLY B 398 7.14 -1.96 -11.94
CA GLY B 398 6.75 -2.80 -13.06
C GLY B 398 5.40 -2.40 -13.60
N LEU B 399 4.72 -3.38 -14.18
CA LEU B 399 3.43 -3.18 -14.80
C LEU B 399 2.60 -4.44 -14.67
N VAL B 400 1.28 -4.28 -14.75
CA VAL B 400 0.35 -5.38 -14.97
C VAL B 400 -0.23 -5.17 -16.37
N VAL B 401 -0.09 -6.18 -17.23
CA VAL B 401 -0.42 -6.06 -18.64
C VAL B 401 -1.48 -7.09 -18.99
N CYS B 402 -2.54 -6.63 -19.67
CA CYS B 402 -3.65 -7.49 -20.07
C CYS B 402 -3.78 -7.48 -21.59
N HIS B 403 -4.04 -8.66 -22.16
CA HIS B 403 -4.19 -8.83 -23.60
C HIS B 403 -5.44 -9.62 -23.90
N HIS B 404 -6.07 -9.27 -25.03
CA HIS B 404 -7.29 -9.91 -25.50
C HIS B 404 -7.14 -10.19 -26.99
N THR B 405 -7.71 -11.30 -27.45
CA THR B 405 -7.62 -11.70 -28.84
C THR B 405 -8.63 -11.01 -29.74
N SER B 406 -9.44 -10.11 -29.20
CA SER B 406 -10.41 -9.36 -29.98
C SER B 406 -10.62 -8.01 -29.30
N SER B 407 -11.38 -7.14 -29.96
CA SER B 407 -11.61 -5.79 -29.46
C SER B 407 -12.32 -5.83 -28.11
N ARG B 408 -11.93 -4.93 -27.21
CA ARG B 408 -12.50 -4.92 -25.87
C ARG B 408 -12.41 -3.52 -25.27
N CYS B 409 -13.46 -3.13 -24.55
CA CYS B 409 -13.54 -1.84 -23.87
C CYS B 409 -14.22 -2.05 -22.54
N ILE B 410 -13.77 -1.35 -21.50
CA ILE B 410 -14.37 -1.48 -20.17
C ILE B 410 -14.80 -0.11 -19.66
N PRO B 411 -15.85 -0.04 -18.83
CA PRO B 411 -16.35 1.25 -18.38
C PRO B 411 -15.49 1.87 -17.27
N PHE B 412 -15.75 3.15 -17.04
CA PHE B 412 -14.90 3.97 -16.17
C PHE B 412 -14.87 3.46 -14.73
N PRO B 413 -16.00 3.08 -14.10
CA PRO B 413 -15.92 2.56 -12.73
C PRO B 413 -14.99 1.37 -12.56
N LEU B 414 -14.98 0.46 -13.53
CA LEU B 414 -14.11 -0.71 -13.41
C LEU B 414 -12.64 -0.30 -13.47
N ARG B 415 -12.31 0.71 -14.28
CA ARG B 415 -10.95 1.18 -14.32
C ARG B 415 -10.53 1.78 -12.99
N TYR B 416 -11.44 2.49 -12.32
CA TYR B 416 -11.07 3.02 -11.00
C TYR B 416 -10.95 1.92 -9.95
N ALA B 417 -11.77 0.87 -10.06
CA ALA B 417 -11.58 -0.28 -9.17
C ALA B 417 -10.20 -0.91 -9.36
N CYS B 418 -9.76 -1.02 -10.61
CA CYS B 418 -8.44 -1.56 -10.89
C CYS B 418 -7.34 -0.68 -10.29
N GLU B 419 -7.49 0.63 -10.39
CA GLU B 419 -6.53 1.53 -9.78
C GLU B 419 -6.44 1.32 -8.27
N PHE B 420 -7.59 1.16 -7.61
CA PHE B 420 -7.62 0.90 -6.18
C PHE B 420 -6.84 -0.37 -5.83
N LEU B 421 -7.11 -1.44 -6.56
CA LEU B 421 -6.42 -2.70 -6.29
C LEU B 421 -4.91 -2.58 -6.52
N MET B 422 -4.49 -1.84 -7.55
CA MET B 422 -3.07 -1.62 -7.77
C MET B 422 -2.41 -0.86 -6.63
N GLN B 423 -3.11 0.12 -6.04
CA GLN B 423 -2.53 0.79 -4.87
C GLN B 423 -2.31 -0.18 -3.72
N ALA B 424 -3.28 -1.05 -3.46
CA ALA B 424 -3.09 -2.04 -2.40
C ALA B 424 -1.89 -2.93 -2.69
N PHE B 425 -1.76 -3.39 -3.94
CA PHE B 425 -0.65 -4.26 -4.33
C PHE B 425 0.69 -3.56 -4.13
N GLY B 426 0.77 -2.29 -4.50
CA GLY B 426 2.01 -1.55 -4.30
C GLY B 426 2.41 -1.47 -2.84
N LEU B 427 1.44 -1.19 -1.95
CA LEU B 427 1.76 -1.12 -0.53
C LEU B 427 2.33 -2.45 -0.02
N GLN B 428 1.65 -3.56 -0.34
CA GLN B 428 2.15 -4.85 0.11
C GLN B 428 3.55 -5.14 -0.43
N LEU B 429 3.78 -4.83 -1.70
CA LEU B 429 5.07 -5.10 -2.32
C LEU B 429 6.18 -4.34 -1.60
N ASN B 430 5.94 -3.07 -1.29
CA ASN B 430 6.97 -2.28 -0.61
C ASN B 430 7.29 -2.87 0.76
N MET B 431 6.26 -3.26 1.50
CA MET B 431 6.49 -3.93 2.78
C MET B 431 7.41 -5.13 2.61
N GLU B 432 7.08 -6.00 1.65
CA GLU B 432 7.84 -7.23 1.48
C GLU B 432 9.30 -6.93 1.14
N LEU B 433 9.54 -5.96 0.26
CA LEU B 433 10.91 -5.66 -0.12
C LEU B 433 11.74 -5.23 1.08
N GLN B 434 11.18 -4.36 1.93
CA GLN B 434 11.96 -3.91 3.09
C GLN B 434 12.24 -5.05 4.07
N LEU B 435 11.25 -5.91 4.30
CA LEU B 435 11.50 -7.06 5.17
C LEU B 435 12.62 -7.95 4.62
N ALA B 436 12.62 -8.18 3.31
CA ALA B 436 13.66 -9.02 2.71
C ALA B 436 15.04 -8.40 2.90
N LEU B 437 15.14 -7.08 2.71
CA LEU B 437 16.41 -6.42 2.95
C LEU B 437 16.92 -6.67 4.36
N GLN B 438 16.03 -6.51 5.36
CA GLN B 438 16.46 -6.71 6.75
C GLN B 438 16.93 -8.14 6.97
N MET B 439 16.18 -9.12 6.46
CA MET B 439 16.59 -10.52 6.66
C MET B 439 17.97 -10.78 6.05
N SER B 440 18.22 -10.24 4.86
CA SER B 440 19.53 -10.45 4.23
C SER B 440 20.64 -9.87 5.08
N GLU B 441 20.45 -8.65 5.61
CA GLU B 441 21.48 -8.04 6.45
C GLU B 441 21.78 -8.93 7.66
N LYS B 442 20.72 -9.42 8.30
CA LYS B 442 20.90 -10.31 9.45
C LYS B 442 21.75 -11.52 9.08
N ARG B 443 21.39 -12.19 7.98
CA ARG B 443 22.11 -13.40 7.58
C ARG B 443 23.58 -13.11 7.33
N VAL B 444 23.87 -12.01 6.64
CA VAL B 444 25.26 -11.68 6.31
C VAL B 444 26.06 -11.46 7.59
N LEU B 445 25.47 -10.74 8.55
CA LEU B 445 26.17 -10.48 9.80
C LEU B 445 26.49 -11.78 10.53
N ARG B 446 25.51 -12.69 10.60
CA ARG B 446 25.75 -13.95 11.29
C ARG B 446 26.86 -14.75 10.62
N THR B 447 26.84 -14.80 9.29
CA THR B 447 27.88 -15.55 8.58
C THR B 447 29.26 -14.95 8.82
N GLN B 448 29.36 -13.63 8.80
CA GLN B 448 30.64 -12.99 9.06
C GLN B 448 31.15 -13.33 10.45
N THR B 449 30.27 -13.28 11.45
CA THR B 449 30.70 -13.59 12.81
C THR B 449 31.19 -15.03 12.91
N LEU B 450 30.46 -15.98 12.31
CA LEU B 450 30.92 -17.36 12.34
C LEU B 450 32.26 -17.52 11.67
N LEU B 451 32.47 -16.84 10.54
CA LEU B 451 33.75 -16.96 9.84
C LEU B 451 34.89 -16.43 10.70
N CYS B 452 34.68 -15.30 11.37
CA CYS B 452 35.74 -14.75 12.22
C CYS B 452 36.05 -15.69 13.38
N ASP B 453 35.02 -16.23 14.03
CA ASP B 453 35.25 -17.21 15.10
C ASP B 453 36.02 -18.41 14.59
N MET B 454 35.68 -18.88 13.38
CA MET B 454 36.39 -20.02 12.79
C MET B 454 37.85 -19.67 12.52
N LEU B 455 38.10 -18.44 12.05
CA LEU B 455 39.47 -18.04 11.76
C LEU B 455 40.32 -18.01 13.02
N LEU B 456 39.79 -17.46 14.11
CA LEU B 456 40.61 -17.32 15.31
C LEU B 456 41.04 -18.67 15.88
N ARG B 457 40.20 -19.70 15.74
CA ARG B 457 40.50 -21.01 16.31
C ARG B 457 41.26 -21.91 15.35
N ASP B 458 41.62 -21.42 14.17
CA ASP B 458 42.25 -22.25 13.15
C ASP B 458 43.28 -21.42 12.39
N SER B 459 43.87 -22.02 11.37
CA SER B 459 44.84 -21.35 10.52
C SER B 459 44.12 -20.38 9.58
N PRO B 460 44.86 -19.64 8.78
CA PRO B 460 44.21 -18.81 7.74
C PRO B 460 43.33 -19.62 6.81
N ALA B 461 43.69 -20.86 6.51
CA ALA B 461 42.92 -21.69 5.59
C ALA B 461 41.69 -22.32 6.25
N GLY B 462 41.26 -21.81 7.41
CA GLY B 462 40.09 -22.35 8.07
C GLY B 462 38.79 -21.75 7.58
N ILE B 463 38.87 -20.85 6.59
CA ILE B 463 37.68 -20.19 6.05
C ILE B 463 37.27 -20.74 4.70
N VAL B 464 37.97 -21.76 4.17
CA VAL B 464 37.64 -22.33 2.88
C VAL B 464 37.50 -23.85 3.00
N THR B 465 37.89 -24.40 4.14
CA THR B 465 37.91 -25.85 4.34
C THR B 465 36.77 -26.34 5.23
N GLN B 466 36.01 -25.44 5.83
CA GLN B 466 34.97 -25.81 6.77
C GLN B 466 33.59 -25.68 6.12
N SER B 467 32.55 -25.89 6.94
CA SER B 467 31.19 -25.89 6.40
C SER B 467 30.77 -24.49 5.94
N PRO B 468 30.58 -23.51 6.82
CA PRO B 468 30.51 -22.13 6.33
C PRO B 468 31.83 -21.71 5.70
N SER B 469 31.74 -20.92 4.65
CA SER B 469 32.92 -20.51 3.90
C SER B 469 32.61 -19.18 3.20
N ILE B 470 33.61 -18.62 2.53
CA ILE B 470 33.41 -17.40 1.77
C ILE B 470 32.43 -17.59 0.62
N MET B 471 32.07 -18.83 0.31
CA MET B 471 31.03 -19.10 -0.67
C MET B 471 29.64 -18.72 -0.19
N ASP B 472 29.47 -18.49 1.13
CA ASP B 472 28.18 -18.12 1.68
C ASP B 472 28.04 -16.63 1.93
N LEU B 473 29.13 -15.88 1.89
CA LEU B 473 29.04 -14.44 2.16
C LEU B 473 28.19 -13.74 1.11
N VAL B 474 28.36 -14.09 -0.16
CA VAL B 474 27.63 -13.49 -1.26
C VAL B 474 27.21 -14.59 -2.23
N LYS B 475 26.31 -14.23 -3.14
CA LYS B 475 25.85 -15.15 -4.17
C LYS B 475 26.90 -15.23 -5.28
N CYS B 476 27.38 -16.45 -5.54
CA CYS B 476 28.48 -16.63 -6.49
C CYS B 476 28.44 -18.05 -7.02
N ASP B 477 29.16 -18.28 -8.11
CA ASP B 477 29.34 -19.61 -8.66
C ASP B 477 30.59 -20.30 -8.15
N GLY B 478 31.62 -19.53 -7.79
CA GLY B 478 32.80 -20.13 -7.22
C GLY B 478 33.55 -19.12 -6.38
N ALA B 479 34.53 -19.62 -5.62
CA ALA B 479 35.32 -18.77 -4.75
C ALA B 479 36.74 -19.30 -4.71
N ALA B 480 37.67 -18.45 -4.30
CA ALA B 480 39.07 -18.86 -4.25
C ALA B 480 39.81 -18.02 -3.21
N PHE B 481 40.81 -18.66 -2.59
CA PHE B 481 41.68 -17.99 -1.62
C PHE B 481 43.12 -18.22 -2.04
N LEU B 482 43.87 -17.14 -2.26
CA LEU B 482 45.29 -17.22 -2.58
C LEU B 482 46.09 -16.66 -1.40
N TYR B 483 46.87 -17.53 -0.76
CA TYR B 483 47.56 -17.19 0.49
C TYR B 483 48.96 -17.79 0.47
N HIS B 484 49.97 -16.92 0.43
CA HIS B 484 51.38 -17.34 0.51
C HIS B 484 51.72 -18.38 -0.55
N GLY B 485 51.20 -18.21 -1.76
CA GLY B 485 51.48 -19.10 -2.85
C GLY B 485 50.60 -20.34 -2.91
N LYS B 486 49.77 -20.55 -1.90
CA LYS B 486 48.80 -21.64 -1.90
C LYS B 486 47.49 -21.16 -2.49
N TYR B 487 46.83 -22.03 -3.25
CA TYR B 487 45.59 -21.71 -3.94
C TYR B 487 44.52 -22.70 -3.52
N TYR B 488 43.43 -22.18 -2.94
CA TYR B 488 42.31 -22.99 -2.45
C TYR B 488 41.07 -22.61 -3.25
N PRO B 489 40.63 -23.47 -4.17
CA PRO B 489 39.40 -23.19 -4.92
C PRO B 489 38.17 -23.86 -4.32
N LEU B 490 37.01 -23.31 -4.68
CA LEU B 490 35.71 -23.88 -4.35
C LEU B 490 34.75 -23.61 -5.50
N GLY B 491 33.98 -24.63 -5.88
CA GLY B 491 33.02 -24.47 -6.95
C GLY B 491 33.71 -24.26 -8.28
N VAL B 492 33.10 -23.44 -9.13
CA VAL B 492 33.61 -23.19 -10.48
C VAL B 492 34.58 -22.02 -10.39
N ALA B 493 35.88 -22.33 -10.42
CA ALA B 493 36.91 -21.31 -10.32
C ALA B 493 37.99 -21.61 -11.34
N PRO B 494 38.80 -20.62 -11.71
CA PRO B 494 39.89 -20.88 -12.65
C PRO B 494 40.90 -21.86 -12.08
N SER B 495 41.71 -22.44 -12.96
CA SER B 495 42.77 -23.33 -12.54
C SER B 495 43.93 -22.52 -11.94
N GLU B 496 44.83 -23.22 -11.25
CA GLU B 496 45.97 -22.58 -10.62
C GLU B 496 46.91 -21.92 -11.63
N VAL B 497 46.85 -22.32 -12.89
CA VAL B 497 47.68 -21.68 -13.92
C VAL B 497 47.03 -20.39 -14.42
N GLN B 498 45.74 -20.43 -14.72
CA GLN B 498 45.05 -19.23 -15.18
C GLN B 498 45.03 -18.15 -14.10
N ILE B 499 44.77 -18.54 -12.85
CA ILE B 499 44.67 -17.56 -11.78
C ILE B 499 45.98 -16.82 -11.62
N LYS B 500 47.11 -17.48 -11.88
CA LYS B 500 48.39 -16.78 -11.86
C LYS B 500 48.40 -15.64 -12.88
N ASP B 501 47.91 -15.91 -14.09
CA ASP B 501 47.84 -14.87 -15.12
C ASP B 501 46.90 -13.75 -14.71
N VAL B 502 45.76 -14.09 -14.10
CA VAL B 502 44.84 -13.07 -13.62
C VAL B 502 45.53 -12.19 -12.60
N VAL B 503 46.33 -12.80 -11.72
CA VAL B 503 47.04 -12.04 -10.69
C VAL B 503 48.05 -11.10 -11.34
N GLU B 504 48.78 -11.58 -12.35
CA GLU B 504 49.74 -10.71 -13.04
C GLU B 504 49.02 -9.54 -13.68
N TRP B 505 47.88 -9.79 -14.33
CA TRP B 505 47.13 -8.71 -14.96
C TRP B 505 46.68 -7.70 -13.91
N LEU B 506 46.15 -8.18 -12.79
CA LEU B 506 45.70 -7.27 -11.74
C LEU B 506 46.84 -6.43 -11.21
N LEU B 507 47.99 -7.04 -10.94
CA LEU B 507 49.13 -6.30 -10.40
C LEU B 507 49.64 -5.28 -11.42
N ALA B 508 49.73 -5.67 -12.69
CA ALA B 508 50.27 -4.77 -13.71
C ALA B 508 49.34 -3.59 -13.94
N ASN B 509 48.02 -3.82 -13.93
CA ASN B 509 47.05 -2.78 -14.24
C ASN B 509 46.31 -2.23 -13.04
N HIS B 510 46.16 -3.01 -11.96
CA HIS B 510 45.29 -2.63 -10.86
C HIS B 510 45.97 -2.77 -9.50
N ALA B 511 47.27 -2.47 -9.42
CA ALA B 511 47.96 -2.45 -8.13
C ALA B 511 47.93 -1.04 -7.53
N ASP B 512 46.71 -0.48 -7.50
CA ASP B 512 46.51 0.85 -6.93
C ASP B 512 45.21 0.93 -6.13
N SER B 513 44.74 -0.18 -5.60
CA SER B 513 43.48 -0.21 -4.87
C SER B 513 43.46 -1.43 -3.96
N THR B 514 42.42 -1.54 -3.13
CA THR B 514 42.25 -2.65 -2.21
C THR B 514 41.41 -3.77 -2.80
N GLY B 515 40.98 -3.64 -4.05
CA GLY B 515 40.14 -4.64 -4.68
C GLY B 515 39.28 -3.99 -5.74
N LEU B 516 38.48 -4.83 -6.39
CA LEU B 516 37.62 -4.33 -7.46
C LEU B 516 36.56 -5.38 -7.78
N SER B 517 35.66 -5.01 -8.69
CA SER B 517 34.56 -5.87 -9.08
C SER B 517 34.21 -5.57 -10.53
N THR B 518 34.05 -6.62 -11.33
CA THR B 518 33.78 -6.47 -12.75
C THR B 518 32.71 -7.46 -13.17
N ASP B 519 31.77 -6.97 -13.97
CA ASP B 519 30.69 -7.77 -14.53
C ASP B 519 31.12 -8.65 -15.68
N SER B 520 32.17 -8.27 -16.40
CA SER B 520 32.65 -9.08 -17.53
C SER B 520 34.14 -8.84 -17.66
N LEU B 521 34.92 -9.92 -17.57
CA LEU B 521 36.37 -9.79 -17.74
C LEU B 521 36.72 -9.33 -19.14
N GLY B 522 35.97 -9.78 -20.16
CA GLY B 522 36.26 -9.35 -21.51
C GLY B 522 36.15 -7.85 -21.68
N ASP B 523 35.07 -7.26 -21.15
CA ASP B 523 34.92 -5.81 -21.21
C ASP B 523 36.04 -5.11 -20.43
N ALA B 524 36.46 -5.70 -19.31
CA ALA B 524 37.52 -5.09 -18.51
C ALA B 524 38.82 -4.99 -19.31
N GLY B 525 39.16 -6.04 -20.06
CA GLY B 525 40.35 -6.04 -20.87
C GLY B 525 41.35 -7.10 -20.48
N TYR B 526 40.88 -8.20 -19.92
CA TYR B 526 41.75 -9.30 -19.56
C TYR B 526 42.05 -10.14 -20.79
N PRO B 527 43.32 -10.29 -21.19
CA PRO B 527 43.61 -11.04 -22.43
C PRO B 527 43.08 -12.46 -22.45
N GLY B 528 43.03 -13.14 -21.31
CA GLY B 528 42.60 -14.52 -21.23
C GLY B 528 41.12 -14.73 -21.01
N ALA B 529 40.30 -13.70 -21.20
CA ALA B 529 38.87 -13.83 -20.91
C ALA B 529 38.24 -14.93 -21.74
N ALA B 530 38.57 -15.00 -23.03
CA ALA B 530 37.99 -16.03 -23.88
C ALA B 530 38.39 -17.43 -23.42
N ALA B 531 39.60 -17.59 -22.91
CA ALA B 531 40.05 -18.90 -22.44
C ALA B 531 39.17 -19.40 -21.30
N LEU B 532 38.79 -18.52 -20.38
CA LEU B 532 37.93 -18.94 -19.28
C LEU B 532 36.58 -19.42 -19.78
N GLY B 533 36.02 -18.74 -20.78
CA GLY B 533 34.77 -19.19 -21.37
C GLY B 533 33.55 -18.67 -20.63
N ASP B 534 32.47 -19.44 -20.72
CA ASP B 534 31.22 -19.07 -20.06
C ASP B 534 31.21 -19.43 -18.59
N ALA B 535 32.14 -20.27 -18.13
CA ALA B 535 32.16 -20.67 -16.73
C ALA B 535 32.52 -19.50 -15.81
N VAL B 536 33.44 -18.64 -16.24
CA VAL B 536 33.91 -17.52 -15.44
C VAL B 536 33.80 -16.27 -16.29
N CYS B 537 32.83 -15.41 -15.95
CA CYS B 537 32.65 -14.13 -16.63
C CYS B 537 32.77 -12.93 -15.71
N GLY B 538 32.19 -13.00 -14.51
CA GLY B 538 32.24 -11.90 -13.56
C GLY B 538 33.11 -12.24 -12.37
N MET B 539 33.83 -11.24 -11.86
CA MET B 539 34.82 -11.47 -10.82
C MET B 539 34.84 -10.32 -9.82
N ALA B 540 34.85 -10.66 -8.54
CA ALA B 540 35.08 -9.71 -7.46
C ALA B 540 36.34 -10.13 -6.70
N VAL B 541 37.28 -9.21 -6.55
CA VAL B 541 38.55 -9.49 -5.90
C VAL B 541 38.73 -8.56 -4.72
N ALA B 542 39.12 -9.12 -3.57
CA ALA B 542 39.42 -8.36 -2.36
C ALA B 542 40.86 -8.61 -1.96
N TYR B 543 41.60 -7.53 -1.72
CA TYR B 543 43.01 -7.60 -1.38
C TYR B 543 43.17 -7.72 0.13
N ILE B 544 44.05 -8.62 0.56
CA ILE B 544 44.43 -8.74 1.97
C ILE B 544 45.83 -8.17 2.20
N THR B 545 46.77 -8.50 1.33
CA THR B 545 48.13 -7.97 1.41
C THR B 545 48.69 -7.89 -0.01
N LYS B 546 50.01 -7.74 -0.12
CA LYS B 546 50.64 -7.58 -1.42
C LYS B 546 50.49 -8.81 -2.31
N ARG B 547 50.29 -9.99 -1.72
CA ARG B 547 50.20 -11.22 -2.51
C ARG B 547 49.12 -12.19 -2.05
N ASP B 548 48.21 -11.80 -1.16
CA ASP B 548 47.10 -12.65 -0.75
C ASP B 548 45.79 -12.02 -1.21
N PHE B 549 44.91 -12.83 -1.79
CA PHE B 549 43.67 -12.32 -2.35
C PHE B 549 42.51 -13.27 -2.07
N LEU B 550 41.31 -12.70 -2.08
CA LEU B 550 40.06 -13.46 -2.07
C LEU B 550 39.31 -13.18 -3.37
N PHE B 551 38.77 -14.23 -3.99
CA PHE B 551 38.07 -14.12 -5.27
C PHE B 551 36.69 -14.72 -5.16
N TRP B 552 35.71 -14.06 -5.79
CA TRP B 552 34.38 -14.61 -6.03
C TRP B 552 34.10 -14.54 -7.52
N PHE B 553 33.52 -15.61 -8.07
CA PHE B 553 33.34 -15.76 -9.51
C PHE B 553 31.89 -16.10 -9.84
N ARG B 554 31.38 -15.49 -10.91
CA ARG B 554 30.06 -15.77 -11.46
C ARG B 554 30.17 -16.11 -12.94
N SER B 555 29.31 -17.00 -13.41
CA SER B 555 29.26 -17.36 -14.82
C SER B 555 28.27 -16.47 -15.57
N HIS B 556 28.05 -16.81 -16.84
CA HIS B 556 27.27 -15.94 -17.72
C HIS B 556 25.77 -16.05 -17.41
N THR B 557 25.05 -14.97 -17.75
CA THR B 557 23.64 -14.85 -17.37
C THR B 557 22.79 -15.96 -17.96
N ALA B 558 23.03 -16.31 -19.23
CA ALA B 558 22.18 -17.30 -19.89
C ALA B 558 22.08 -18.61 -19.12
N LYS B 559 22.95 -18.82 -18.14
CA LYS B 559 22.88 -20.04 -17.34
C LYS B 559 21.58 -20.13 -16.57
N GLU B 560 21.11 -19.01 -16.01
CA GLU B 560 19.96 -19.00 -15.11
C GLU B 560 18.66 -18.62 -15.80
N ILE B 561 18.70 -18.32 -17.11
CA ILE B 561 17.53 -17.85 -17.83
C ILE B 561 17.01 -18.99 -18.70
N LYS B 562 15.74 -19.32 -18.54
CA LYS B 562 15.11 -20.39 -19.31
C LYS B 562 13.69 -19.98 -19.64
N TRP B 563 13.44 -19.67 -20.92
CA TRP B 563 12.09 -19.51 -21.44
C TRP B 563 11.83 -20.63 -22.44
N GLY B 564 10.76 -21.39 -22.22
CA GLY B 564 10.43 -22.49 -23.10
C GLY B 564 9.73 -22.04 -24.37
N GLY B 565 10.49 -21.45 -25.28
CA GLY B 565 9.93 -20.99 -26.54
C GLY B 565 10.97 -20.52 -27.53
N GLY B 576 13.65 -12.77 -36.79
CA GLY B 576 14.69 -11.88 -36.31
C GLY B 576 14.54 -10.46 -36.82
N GLN B 577 13.79 -10.30 -37.92
CA GLN B 577 13.56 -8.98 -38.48
C GLN B 577 12.19 -8.46 -38.11
N ARG B 578 11.24 -9.34 -37.84
CA ARG B 578 9.89 -8.96 -37.46
C ARG B 578 9.82 -8.68 -35.96
N MET B 579 9.06 -7.65 -35.59
CA MET B 579 8.84 -7.33 -34.19
C MET B 579 7.92 -8.38 -33.57
N HIS B 580 8.44 -9.12 -32.60
CA HIS B 580 7.73 -10.24 -32.00
C HIS B 580 8.45 -10.62 -30.72
N PRO B 581 7.77 -11.24 -29.75
CA PRO B 581 8.46 -11.62 -28.50
C PRO B 581 9.70 -12.48 -28.71
N ARG B 582 9.68 -13.40 -29.67
CA ARG B 582 10.86 -14.24 -29.91
C ARG B 582 12.03 -13.42 -30.41
N SER B 583 11.76 -12.42 -31.26
CA SER B 583 12.83 -11.52 -31.68
C SER B 583 13.39 -10.74 -30.49
N SER B 584 12.52 -10.33 -29.57
CA SER B 584 12.99 -9.64 -28.37
C SER B 584 13.87 -10.54 -27.51
N PHE B 585 13.46 -11.79 -27.34
CA PHE B 585 14.26 -12.71 -26.54
C PHE B 585 15.62 -12.97 -27.19
N GLN B 586 15.65 -13.14 -28.51
CA GLN B 586 16.93 -13.36 -29.18
C GLN B 586 17.81 -12.11 -29.11
N ALA B 587 17.20 -10.93 -29.14
CA ALA B 587 17.98 -9.70 -29.06
C ALA B 587 18.50 -9.47 -27.65
N PHE B 588 17.79 -9.98 -26.65
CA PHE B 588 18.27 -9.86 -25.27
C PHE B 588 19.52 -10.71 -25.05
N LEU B 589 19.52 -11.94 -25.58
CA LEU B 589 20.67 -12.83 -25.46
C LEU B 589 21.73 -12.49 -26.49
N GLU B 590 22.01 -11.19 -26.62
CA GLU B 590 23.07 -10.71 -27.49
C GLU B 590 23.86 -9.60 -26.82
N VAL B 591 23.30 -9.02 -25.76
CA VAL B 591 23.99 -8.03 -24.96
C VAL B 591 24.50 -8.62 -23.65
N VAL B 592 23.94 -9.73 -23.19
CA VAL B 592 24.42 -10.46 -22.03
C VAL B 592 25.18 -11.72 -22.45
N LYS B 593 25.75 -11.73 -23.65
CA LYS B 593 26.41 -12.93 -24.17
C LYS B 593 27.64 -13.29 -23.34
N SER B 594 28.45 -12.30 -22.98
CA SER B 594 29.66 -12.50 -22.20
C SER B 594 29.62 -11.69 -20.90
N ARG B 595 28.49 -11.71 -20.23
CA ARG B 595 28.29 -10.96 -19.00
C ARG B 595 27.62 -11.83 -17.96
N SER B 596 27.86 -11.50 -16.69
CA SER B 596 27.19 -12.13 -15.57
C SER B 596 26.22 -11.13 -14.95
N GLN B 597 25.55 -11.56 -13.88
CA GLN B 597 24.65 -10.67 -13.19
C GLN B 597 25.46 -9.61 -12.42
N PRO B 598 24.95 -8.39 -12.32
CA PRO B 598 25.73 -7.31 -11.70
C PRO B 598 25.91 -7.54 -10.20
N TRP B 599 26.99 -6.97 -9.67
CA TRP B 599 27.27 -7.04 -8.25
C TRP B 599 26.53 -5.91 -7.54
N GLU B 600 25.71 -6.26 -6.56
CA GLU B 600 24.92 -5.28 -5.82
C GLU B 600 25.79 -4.53 -4.83
N THR B 601 25.23 -3.46 -4.25
CA THR B 601 25.97 -2.67 -3.27
C THR B 601 26.07 -3.37 -1.92
N ALA B 602 25.02 -4.08 -1.52
CA ALA B 602 25.05 -4.79 -0.24
C ALA B 602 26.13 -5.86 -0.23
N GLU B 603 26.24 -6.61 -1.34
CA GLU B 603 27.26 -7.66 -1.42
C GLU B 603 28.66 -7.07 -1.38
N MET B 604 28.87 -5.95 -2.06
CA MET B 604 30.18 -5.31 -2.03
C MET B 604 30.50 -4.79 -0.63
N ASP B 605 29.50 -4.26 0.08
CA ASP B 605 29.74 -3.79 1.45
C ASP B 605 30.11 -4.96 2.36
N ALA B 606 29.41 -6.09 2.24
CA ALA B 606 29.77 -7.26 3.03
C ALA B 606 31.19 -7.71 2.73
N ILE B 607 31.56 -7.73 1.45
CA ILE B 607 32.91 -8.14 1.08
C ILE B 607 33.93 -7.19 1.69
N HIS B 608 33.69 -5.89 1.62
CA HIS B 608 34.64 -4.93 2.16
C HIS B 608 34.78 -5.05 3.67
N SER B 609 33.66 -5.28 4.38
CA SER B 609 33.73 -5.44 5.83
C SER B 609 34.58 -6.65 6.20
N LEU B 610 34.28 -7.81 5.61
CA LEU B 610 35.08 -8.99 5.89
C LEU B 610 36.54 -8.75 5.50
N GLN B 611 36.77 -7.97 4.44
CA GLN B 611 38.11 -7.65 4.02
C GLN B 611 38.87 -6.90 5.10
N LEU B 612 38.25 -5.87 5.67
CA LEU B 612 38.92 -5.11 6.73
C LEU B 612 39.22 -6.00 7.93
N ILE B 613 38.25 -6.84 8.31
CA ILE B 613 38.47 -7.71 9.46
C ILE B 613 39.68 -8.62 9.21
N LEU B 614 39.71 -9.27 8.06
CA LEU B 614 40.82 -10.18 7.77
C LEU B 614 42.13 -9.43 7.66
N ARG B 615 42.11 -8.21 7.10
CA ARG B 615 43.33 -7.42 7.02
C ARG B 615 43.91 -7.19 8.40
N ASP B 616 43.08 -6.74 9.34
CA ASP B 616 43.56 -6.54 10.70
C ASP B 616 44.07 -7.84 11.31
N SER B 617 43.32 -8.92 11.16
CA SER B 617 43.70 -10.18 11.79
C SER B 617 45.05 -10.67 11.26
N PHE B 618 45.27 -10.59 9.95
CA PHE B 618 46.52 -11.06 9.37
C PHE B 618 47.67 -10.11 9.65
N LYS B 619 47.41 -8.80 9.72
CA LYS B 619 48.47 -7.86 10.08
C LYS B 619 48.95 -8.13 11.50
N GLU B 620 48.01 -8.38 12.42
CA GLU B 620 48.41 -8.77 13.76
C GLU B 620 49.14 -10.11 13.77
N SER B 621 48.63 -11.08 13.02
CA SER B 621 49.23 -12.41 12.95
C SER B 621 49.43 -12.99 14.36
N ARG C 11 -4.63 18.05 2.27
CA ARG C 11 -5.50 18.75 1.34
C ARG C 11 -5.63 17.98 0.03
N LEU C 12 -6.77 17.33 -0.16
CA LEU C 12 -7.04 16.62 -1.41
C LEU C 12 -7.11 17.62 -2.56
N SER C 13 -6.71 17.18 -3.74
CA SER C 13 -6.69 18.05 -4.91
C SER C 13 -6.80 17.20 -6.16
N ASP C 14 -7.10 17.87 -7.27
CA ASP C 14 -7.13 17.20 -8.56
C ASP C 14 -5.71 17.04 -9.10
N GLN C 15 -5.51 15.96 -9.86
CA GLN C 15 -4.18 15.65 -10.40
C GLN C 15 -3.81 16.67 -11.47
N GLU C 16 -2.53 17.03 -11.51
CA GLU C 16 -2.01 17.92 -12.54
C GLU C 16 -1.08 17.14 -13.47
N TYR C 17 -1.13 17.46 -14.75
CA TYR C 17 -0.36 16.75 -15.76
C TYR C 17 0.81 17.61 -16.23
N MET C 18 1.93 16.95 -16.52
CA MET C 18 3.17 17.61 -16.89
C MET C 18 3.61 17.13 -18.27
N GLU C 19 4.53 17.88 -18.87
CA GLU C 19 5.03 17.59 -20.21
C GLU C 19 6.56 17.56 -20.21
N LEU C 20 7.14 16.59 -20.91
CA LEU C 20 8.58 16.49 -21.04
C LEU C 20 9.08 17.43 -22.13
N VAL C 21 10.14 18.18 -21.83
CA VAL C 21 10.78 19.07 -22.78
C VAL C 21 12.29 18.92 -22.67
N PHE C 22 12.98 19.37 -23.71
CA PHE C 22 14.43 19.33 -23.78
C PHE C 22 14.96 20.75 -23.75
N GLU C 23 15.57 21.14 -22.62
CA GLU C 23 16.07 22.50 -22.44
C GLU C 23 17.48 22.45 -21.89
N ASN C 24 18.40 23.13 -22.56
CA ASN C 24 19.79 23.25 -22.10
C ASN C 24 20.40 21.89 -21.81
N GLY C 25 20.16 20.92 -22.69
CA GLY C 25 20.71 19.60 -22.55
C GLY C 25 20.05 18.74 -21.49
N GLN C 26 18.95 19.19 -20.92
CA GLN C 26 18.28 18.49 -19.83
C GLN C 26 16.87 18.08 -20.24
N ILE C 27 16.45 16.91 -19.78
CA ILE C 27 15.08 16.45 -19.92
C ILE C 27 14.32 16.95 -18.69
N LEU C 28 13.52 18.00 -18.88
CA LEU C 28 12.78 18.62 -17.79
C LEU C 28 11.29 18.33 -17.93
N ALA C 29 10.58 18.43 -16.82
CA ALA C 29 9.13 18.30 -16.80
C ALA C 29 8.51 19.65 -16.44
N LYS C 30 7.59 20.11 -17.29
CA LYS C 30 6.93 21.39 -17.13
C LYS C 30 5.47 21.20 -16.74
N GLY C 31 4.96 22.10 -15.92
CA GLY C 31 3.55 22.13 -15.58
C GLY C 31 2.76 22.96 -16.57
N GLN C 32 1.44 22.89 -16.41
CA GLN C 32 0.52 23.59 -17.31
C GLN C 32 -0.31 24.62 -16.56
N ARG C 42 -8.60 26.35 -1.42
CA ARG C 42 -9.83 25.86 -0.83
C ARG C 42 -9.85 26.11 0.68
N THR C 43 -10.91 26.78 1.16
CA THR C 43 -11.08 27.07 2.57
C THR C 43 -12.24 26.30 3.18
N LYS C 44 -12.95 25.48 2.40
CA LYS C 44 -14.09 24.70 2.87
C LYS C 44 -13.70 23.23 2.89
N SER C 45 -14.54 22.44 3.56
CA SER C 45 -14.35 20.99 3.58
C SER C 45 -15.01 20.35 2.37
N ILE C 46 -14.78 19.04 2.21
CA ILE C 46 -15.36 18.32 1.10
C ILE C 46 -16.87 18.23 1.25
N MET C 47 -17.35 18.10 2.48
CA MET C 47 -18.79 18.00 2.71
C MET C 47 -19.52 19.26 2.27
N ASP C 48 -18.94 20.44 2.56
CA ASP C 48 -19.58 21.68 2.15
C ASP C 48 -19.65 21.79 0.64
N LEU C 49 -18.57 21.41 -0.06
CA LEU C 49 -18.62 21.40 -1.52
C LEU C 49 -19.67 20.43 -2.03
N TYR C 50 -19.77 19.25 -1.42
CA TYR C 50 -20.78 18.29 -1.86
C TYR C 50 -22.18 18.88 -1.69
N GLU C 51 -22.43 19.56 -0.58
CA GLU C 51 -23.73 20.18 -0.38
C GLU C 51 -23.98 21.29 -1.40
N ALA C 52 -22.95 22.05 -1.76
CA ALA C 52 -23.15 23.17 -2.68
C ALA C 52 -23.39 22.69 -4.11
N GLU C 53 -22.62 21.69 -4.56
CA GLU C 53 -22.61 21.32 -5.97
C GLU C 53 -23.73 20.35 -6.33
N TYR C 54 -24.28 19.62 -5.36
CA TYR C 54 -25.35 18.67 -5.62
C TYR C 54 -26.71 19.22 -5.23
N ASN C 55 -26.89 20.54 -5.30
CA ASN C 55 -28.18 21.17 -5.03
C ASN C 55 -29.09 20.98 -6.22
N GLU C 56 -30.35 20.58 -5.96
CA GLU C 56 -31.30 20.24 -7.00
C GLU C 56 -32.35 21.32 -7.24
N ASP C 57 -32.14 22.54 -6.73
CA ASP C 57 -33.17 23.56 -6.87
C ASP C 57 -33.43 23.90 -8.33
N PHE C 58 -32.39 23.98 -9.16
CA PHE C 58 -32.56 24.31 -10.56
C PHE C 58 -33.47 23.32 -11.28
N MET C 59 -33.56 22.08 -10.80
CA MET C 59 -34.42 21.10 -11.43
C MET C 59 -35.91 21.38 -11.22
N LYS C 60 -36.26 22.26 -10.28
CA LYS C 60 -37.66 22.59 -10.05
C LYS C 60 -38.21 23.59 -11.05
N SER C 61 -37.35 24.33 -11.74
CA SER C 61 -37.80 25.34 -12.69
C SER C 61 -38.65 24.70 -13.79
#